data_4BNT
#
_entry.id   4BNT
#
_cell.length_a   54.180
_cell.length_b   109.152
_cell.length_c   145.194
_cell.angle_alpha   90.00
_cell.angle_beta   90.00
_cell.angle_gamma   90.00
#
_symmetry.space_group_name_H-M   'P 21 21 21'
#
loop_
_entity.id
_entity.type
_entity.pdbx_description
1 polymer '3-OXOACYL-[ACYL-CARRIER-PROTEIN] REDUCTASE FABG'
2 non-polymer 2-(trifluoromethyl)-1H-benzimidazole
3 water water
#
_entity_poly.entity_id   1
_entity_poly.type   'polypeptide(L)'
_entity_poly.pdbx_seq_one_letter_code
;MHHHHHHSSGVDLGTENLYFQSMSLQGKVALVTGASRGIGQAIALELGRLGAVVIGTATSASGAEKIAETLKANGVEGAG
LVLDVSSDESVAATLEHIQQHLGQPLIVVNNAGITRDNLLVRMKDDEWFDVVNTNLNSLYRLSKAVLRGMTKARWGRIIN
IGSVVGAMGNAGQTNYAAAKAGLEGFTRALAREVGSRAITVNAVAPGFIDTDMTRELPEAQREALLGQIPLGRLGQAEEI
AKVVGFLASDGAAYVTGATVPVNGGMYMS
;
_entity_poly.pdbx_strand_id   A,B,C,D
#
# COMPACT_ATOMS: atom_id res chain seq x y z
N PHE A 20 22.58 -2.04 28.17
CA PHE A 20 21.73 -1.93 26.94
C PHE A 20 21.67 -3.31 26.28
N GLN A 21 21.05 -4.18 27.04
CA GLN A 21 21.05 -5.61 26.79
C GLN A 21 20.14 -6.01 25.63
N SER A 22 19.04 -5.30 25.41
CA SER A 22 18.22 -5.62 24.25
C SER A 22 18.92 -5.24 22.93
N MET A 23 20.03 -4.49 23.01
CA MET A 23 20.85 -4.15 21.82
C MET A 23 22.16 -5.00 21.64
N SER A 24 22.47 -5.88 22.57
CA SER A 24 23.72 -6.60 22.47
C SER A 24 23.59 -7.66 21.39
N LEU A 25 24.56 -7.71 20.49
CA LEU A 25 24.69 -8.86 19.60
C LEU A 25 25.82 -9.83 19.95
N GLN A 26 26.34 -9.68 21.17
CA GLN A 26 27.44 -10.50 21.65
C GLN A 26 27.07 -11.95 21.52
N GLY A 27 28.00 -12.77 21.06
CA GLY A 27 27.74 -14.19 20.92
C GLY A 27 27.14 -14.59 19.60
N LYS A 28 26.74 -13.63 18.79
CA LYS A 28 26.17 -13.95 17.50
C LYS A 28 27.16 -13.71 16.35
N VAL A 29 26.99 -14.50 15.31
CA VAL A 29 27.69 -14.42 14.07
C VAL A 29 26.78 -13.89 13.01
N ALA A 30 27.26 -12.87 12.30
CA ALA A 30 26.50 -12.11 11.33
C ALA A 30 27.23 -12.14 10.01
N LEU A 31 26.51 -12.51 8.96
CA LEU A 31 26.99 -12.47 7.59
C LEU A 31 26.37 -11.25 6.87
N VAL A 32 27.22 -10.37 6.32
CA VAL A 32 26.78 -9.20 5.59
C VAL A 32 27.35 -9.27 4.17
N THR A 33 26.47 -9.47 3.20
CA THR A 33 26.90 -9.56 1.83
C THR A 33 27.09 -8.15 1.25
N GLY A 34 28.06 -7.98 0.36
CA GLY A 34 28.30 -6.68 -0.28
C GLY A 34 28.83 -5.66 0.71
N ALA A 35 29.83 -6.03 1.50
CA ALA A 35 30.23 -5.23 2.66
C ALA A 35 31.47 -4.36 2.46
N SER A 36 31.98 -4.23 1.24
CA SER A 36 33.29 -3.51 1.08
C SER A 36 33.19 -1.99 1.07
N ARG A 37 31.99 -1.48 0.86
CA ARG A 37 31.84 -0.02 0.76
C ARG A 37 30.43 0.39 1.13
N GLY A 38 30.27 1.69 1.35
CA GLY A 38 28.98 2.31 1.54
C GLY A 38 28.07 1.65 2.57
N ILE A 39 26.86 1.30 2.15
CA ILE A 39 25.88 0.81 3.06
C ILE A 39 26.27 -0.51 3.71
N GLY A 40 26.71 -1.45 2.90
CA GLY A 40 27.16 -2.76 3.40
C GLY A 40 28.30 -2.66 4.41
N GLN A 41 29.26 -1.78 4.15
CA GLN A 41 30.39 -1.61 5.09
C GLN A 41 29.88 -1.03 6.40
N ALA A 42 28.99 -0.06 6.30
CA ALA A 42 28.51 0.60 7.51
C ALA A 42 27.68 -0.37 8.34
N ILE A 43 26.92 -1.21 7.66
CA ILE A 43 26.19 -2.25 8.39
C ILE A 43 27.14 -3.20 9.11
N ALA A 44 28.18 -3.62 8.42
CA ALA A 44 29.16 -4.51 8.98
C ALA A 44 29.80 -3.92 10.24
N LEU A 45 30.15 -2.63 10.23
CA LEU A 45 30.72 -1.97 11.42
C LEU A 45 29.73 -1.74 12.54
N GLU A 46 28.48 -1.45 12.19
CA GLU A 46 27.47 -1.30 13.21
C GLU A 46 27.19 -2.64 13.92
N LEU A 47 27.09 -3.74 13.18
CA LEU A 47 26.93 -5.04 13.85
C LEU A 47 28.13 -5.40 14.70
N GLY A 48 29.32 -5.05 14.23
CA GLY A 48 30.54 -5.34 15.02
C GLY A 48 30.61 -4.54 16.31
N ARG A 49 30.29 -3.27 16.21
CA ARG A 49 30.21 -2.39 17.34
C ARG A 49 29.19 -2.90 18.36
N LEU A 50 28.08 -3.49 17.89
CA LEU A 50 27.10 -4.09 18.80
C LEU A 50 27.55 -5.46 19.42
N GLY A 51 28.73 -5.93 19.05
CA GLY A 51 29.32 -7.14 19.66
C GLY A 51 29.24 -8.42 18.83
N ALA A 52 28.66 -8.34 17.64
CA ALA A 52 28.68 -9.49 16.72
C ALA A 52 30.08 -9.82 16.17
N VAL A 53 30.34 -11.08 15.93
CA VAL A 53 31.39 -11.50 15.02
C VAL A 53 30.88 -11.35 13.58
N VAL A 54 31.59 -10.59 12.75
CA VAL A 54 31.07 -10.23 11.44
C VAL A 54 31.86 -10.80 10.28
N ILE A 55 31.13 -11.45 9.37
CA ILE A 55 31.69 -11.92 8.11
C ILE A 55 31.09 -11.10 7.01
N GLY A 56 31.96 -10.36 6.33
CA GLY A 56 31.54 -9.47 5.24
C GLY A 56 32.00 -10.10 3.95
N THR A 57 31.17 -10.03 2.91
CA THR A 57 31.52 -10.59 1.62
C THR A 57 31.61 -9.57 0.49
N ALA A 58 32.45 -9.92 -0.48
CA ALA A 58 32.64 -9.14 -1.71
C ALA A 58 32.74 -10.14 -2.81
N THR A 59 32.69 -9.64 -4.04
CA THR A 59 32.74 -10.50 -5.20
C THR A 59 34.16 -10.72 -5.72
N SER A 60 35.12 -9.87 -5.29
CA SER A 60 36.56 -10.02 -5.62
C SER A 60 37.43 -10.19 -4.40
N ALA A 61 38.58 -10.83 -4.57
CA ALA A 61 39.58 -11.00 -3.50
C ALA A 61 40.04 -9.65 -2.93
N SER A 62 40.07 -8.65 -3.79
CA SER A 62 40.42 -7.30 -3.41
C SER A 62 39.42 -6.75 -2.39
N GLY A 63 38.14 -6.89 -2.71
CA GLY A 63 37.06 -6.54 -1.81
C GLY A 63 37.15 -7.25 -0.46
N ALA A 64 37.32 -8.56 -0.50
CA ALA A 64 37.39 -9.36 0.71
C ALA A 64 38.53 -8.92 1.64
N GLU A 65 39.69 -8.58 1.07
CA GLU A 65 40.90 -8.25 1.85
C GLU A 65 40.66 -6.92 2.47
N LYS A 66 39.99 -6.06 1.71
CA LYS A 66 39.71 -4.76 2.20
C LYS A 66 38.68 -4.76 3.34
N ILE A 67 37.68 -5.65 3.22
CA ILE A 67 36.73 -5.86 4.33
C ILE A 67 37.50 -6.27 5.59
N ALA A 68 38.37 -7.25 5.45
CA ALA A 68 39.14 -7.75 6.61
C ALA A 68 39.86 -6.60 7.26
N GLU A 69 40.50 -5.75 6.45
CA GLU A 69 41.24 -4.57 6.98
C GLU A 69 40.37 -3.58 7.69
N THR A 70 39.22 -3.27 7.08
CA THR A 70 38.30 -2.33 7.71
C THR A 70 37.76 -2.87 9.04
N LEU A 71 37.44 -4.15 9.10
CA LEU A 71 37.00 -4.74 10.35
C LEU A 71 38.07 -4.61 11.42
N LYS A 72 39.29 -5.04 11.08
CA LYS A 72 40.42 -4.97 12.00
C LYS A 72 40.64 -3.56 12.53
N ALA A 73 40.71 -2.58 11.63
CA ALA A 73 40.94 -1.20 12.04
C ALA A 73 39.87 -0.69 12.99
N ASN A 74 38.68 -1.30 12.97
CA ASN A 74 37.62 -0.92 13.90
C ASN A 74 37.43 -1.87 15.08
N GLY A 75 38.35 -2.81 15.28
CA GLY A 75 38.30 -3.73 16.40
C GLY A 75 37.23 -4.81 16.30
N VAL A 76 36.73 -5.08 15.09
CA VAL A 76 35.68 -6.07 14.89
C VAL A 76 36.28 -7.41 14.49
N GLU A 77 35.91 -8.45 15.20
CA GLU A 77 36.38 -9.76 14.92
C GLU A 77 35.46 -10.32 13.87
N GLY A 78 36.05 -11.09 12.99
CA GLY A 78 35.34 -11.70 11.90
C GLY A 78 36.23 -12.00 10.72
N ALA A 79 35.74 -11.70 9.54
CA ALA A 79 36.47 -12.00 8.34
C ALA A 79 35.88 -11.31 7.11
N GLY A 80 36.71 -11.15 6.09
CA GLY A 80 36.25 -10.81 4.78
C GLY A 80 36.36 -12.03 3.89
N LEU A 81 35.36 -12.29 3.05
CA LEU A 81 35.47 -13.40 2.11
C LEU A 81 34.77 -13.14 0.80
N VAL A 82 35.03 -14.02 -0.17
CA VAL A 82 34.51 -13.89 -1.53
C VAL A 82 33.25 -14.73 -1.66
N LEU A 83 32.16 -14.09 -2.08
CA LEU A 83 30.86 -14.79 -2.25
C LEU A 83 30.15 -14.27 -3.49
N ASP A 84 29.72 -15.20 -4.32
CA ASP A 84 28.92 -14.88 -5.48
C ASP A 84 27.51 -15.43 -5.17
N VAL A 85 26.58 -14.54 -4.86
CA VAL A 85 25.23 -14.95 -4.45
C VAL A 85 24.43 -15.61 -5.58
N SER A 86 24.89 -15.48 -6.83
CA SER A 86 24.20 -16.13 -7.96
C SER A 86 24.55 -17.61 -8.16
N SER A 87 25.44 -18.15 -7.33
CA SER A 87 25.98 -19.49 -7.51
C SER A 87 25.75 -20.38 -6.28
N ASP A 88 25.01 -21.48 -6.46
CA ASP A 88 24.73 -22.43 -5.37
C ASP A 88 26.03 -22.95 -4.74
N GLU A 89 27.02 -23.17 -5.60
CA GLU A 89 28.31 -23.71 -5.18
C GLU A 89 29.05 -22.73 -4.26
N SER A 90 29.13 -21.47 -4.66
CA SER A 90 29.80 -20.44 -3.85
C SER A 90 29.10 -20.25 -2.49
N VAL A 91 27.77 -20.30 -2.51
CA VAL A 91 26.98 -20.16 -1.30
C VAL A 91 27.26 -21.31 -0.34
N ALA A 92 27.06 -22.54 -0.80
CA ALA A 92 27.30 -23.72 0.02
C ALA A 92 28.72 -23.72 0.57
N ALA A 93 29.68 -23.38 -0.28
CA ALA A 93 31.08 -23.43 0.12
C ALA A 93 31.40 -22.38 1.14
N THR A 94 30.89 -21.18 0.92
CA THR A 94 31.10 -20.11 1.85
C THR A 94 30.51 -20.45 3.22
N LEU A 95 29.28 -20.94 3.23
CA LEU A 95 28.65 -21.26 4.51
C LEU A 95 29.50 -22.29 5.25
N GLU A 96 30.00 -23.30 4.53
CA GLU A 96 30.85 -24.32 5.16
C GLU A 96 32.06 -23.69 5.80
N HIS A 97 32.74 -22.81 5.08
CA HIS A 97 33.89 -22.09 5.63
C HIS A 97 33.57 -21.38 6.93
N ILE A 98 32.40 -20.75 6.97
CA ILE A 98 32.03 -19.95 8.13
C ILE A 98 31.78 -20.88 9.29
N GLN A 99 31.09 -21.98 9.02
CA GLN A 99 30.82 -22.99 10.05
C GLN A 99 32.08 -23.60 10.63
N GLN A 100 33.04 -23.96 9.78
CA GLN A 100 34.29 -24.60 10.26
C GLN A 100 35.03 -23.67 11.20
N HIS A 101 35.19 -22.42 10.76
CA HIS A 101 36.07 -21.46 11.39
C HIS A 101 35.39 -20.65 12.53
N LEU A 102 34.09 -20.35 12.40
CA LEU A 102 33.40 -19.46 13.36
C LEU A 102 32.06 -19.92 13.93
N GLY A 103 31.33 -20.77 13.23
CA GLY A 103 30.00 -21.21 13.68
C GLY A 103 28.91 -20.77 12.74
N GLN A 104 27.68 -21.04 13.11
CA GLN A 104 26.54 -20.77 12.24
C GLN A 104 26.13 -19.27 12.26
N PRO A 105 26.03 -18.63 11.08
CA PRO A 105 25.53 -17.25 11.08
C PRO A 105 24.02 -17.20 11.35
N LEU A 106 23.64 -16.55 12.45
CA LEU A 106 22.22 -16.45 12.82
C LEU A 106 21.62 -15.09 12.44
N ILE A 107 22.48 -14.16 12.01
CA ILE A 107 22.09 -12.86 11.50
C ILE A 107 22.66 -12.83 10.08
N VAL A 108 21.80 -12.62 9.09
CA VAL A 108 22.23 -12.50 7.71
C VAL A 108 21.62 -11.21 7.19
N VAL A 109 22.47 -10.36 6.64
CA VAL A 109 22.06 -9.15 5.93
C VAL A 109 22.40 -9.25 4.42
N ASN A 110 21.39 -9.21 3.59
CA ASN A 110 21.55 -9.33 2.15
C ASN A 110 21.64 -7.94 1.55
N ASN A 111 22.83 -7.57 1.13
CA ASN A 111 23.03 -6.26 0.55
C ASN A 111 23.62 -6.33 -0.86
N ALA A 112 24.05 -7.52 -1.29
CA ALA A 112 24.81 -7.67 -2.55
C ALA A 112 24.05 -7.44 -3.88
N MET A 123 20.80 2.17 -17.76
CA MET A 123 19.73 1.17 -17.62
C MET A 123 18.66 1.37 -18.68
N LYS A 124 18.28 0.28 -19.36
CA LYS A 124 17.28 0.37 -20.42
C LYS A 124 15.91 0.04 -19.85
N ASP A 125 14.86 0.46 -20.55
CA ASP A 125 13.46 0.30 -20.10
C ASP A 125 12.99 -1.15 -19.99
N ASP A 126 13.48 -2.02 -20.86
CA ASP A 126 13.00 -3.38 -20.94
C ASP A 126 13.80 -4.37 -20.08
N GLU A 127 14.66 -3.91 -19.17
CA GLU A 127 15.59 -4.80 -18.46
C GLU A 127 15.20 -4.99 -16.97
N TRP A 128 14.14 -4.30 -16.53
CA TRP A 128 13.71 -4.37 -15.12
C TRP A 128 13.34 -5.80 -14.67
N PHE A 129 12.75 -6.56 -15.58
CA PHE A 129 12.30 -7.89 -15.19
C PHE A 129 13.44 -8.81 -14.82
N ASP A 130 14.45 -8.87 -15.67
CA ASP A 130 15.65 -9.71 -15.43
C ASP A 130 16.43 -9.32 -14.20
N VAL A 131 16.55 -8.02 -13.97
CA VAL A 131 17.26 -7.54 -12.77
C VAL A 131 16.56 -7.94 -11.49
N VAL A 132 15.26 -7.66 -11.41
CA VAL A 132 14.50 -8.00 -10.22
C VAL A 132 14.41 -9.50 -10.02
N ASN A 133 14.07 -10.21 -11.06
CA ASN A 133 13.99 -11.66 -10.97
C ASN A 133 15.29 -12.32 -10.49
N THR A 134 16.42 -11.83 -11.00
CA THR A 134 17.73 -12.36 -10.66
C THR A 134 18.05 -12.04 -9.20
N ASN A 135 17.75 -10.82 -8.78
CA ASN A 135 18.03 -10.44 -7.41
C ASN A 135 17.22 -11.22 -6.39
N LEU A 136 15.94 -11.45 -6.69
CA LEU A 136 15.09 -12.17 -5.73
C LEU A 136 15.49 -13.63 -5.71
N ASN A 137 15.82 -14.19 -6.86
CA ASN A 137 16.35 -15.54 -6.89
C ASN A 137 17.61 -15.64 -6.01
N SER A 138 18.43 -14.61 -5.98
CA SER A 138 19.61 -14.63 -5.13
C SER A 138 19.29 -14.46 -3.64
N LEU A 139 18.35 -13.58 -3.29
CA LEU A 139 17.90 -13.55 -1.89
C LEU A 139 17.37 -14.92 -1.44
N TYR A 140 16.62 -15.60 -2.31
CA TYR A 140 16.02 -16.85 -1.99
C TYR A 140 17.10 -17.87 -1.74
N ARG A 141 18.04 -17.98 -2.66
CA ARG A 141 19.12 -18.96 -2.57
C ARG A 141 19.94 -18.75 -1.30
N LEU A 142 20.28 -17.53 -0.96
CA LEU A 142 21.07 -17.33 0.25
C LEU A 142 20.24 -17.53 1.53
N SER A 143 18.99 -17.07 1.50
CA SER A 143 18.09 -17.22 2.62
C SER A 143 17.85 -18.69 2.95
N LYS A 144 17.50 -19.51 1.97
CA LYS A 144 17.30 -20.95 2.21
C LYS A 144 18.52 -21.65 2.79
N ALA A 145 19.71 -21.31 2.34
CA ALA A 145 20.88 -21.98 2.84
C ALA A 145 21.15 -21.63 4.30
N VAL A 146 20.89 -20.39 4.73
CA VAL A 146 21.16 -20.03 6.10
C VAL A 146 20.03 -20.45 7.06
N LEU A 147 18.85 -20.75 6.51
CA LEU A 147 17.71 -21.10 7.34
C LEU A 147 17.89 -22.39 8.14
N ARG A 148 18.67 -23.32 7.62
CA ARG A 148 18.82 -24.58 8.30
C ARG A 148 19.52 -24.37 9.65
N GLY A 149 20.62 -23.65 9.64
CA GLY A 149 21.28 -23.29 10.90
C GLY A 149 20.32 -22.54 11.83
N MET A 150 19.49 -21.65 11.28
CA MET A 150 18.63 -20.81 12.13
C MET A 150 17.51 -21.68 12.72
N THR A 151 16.99 -22.61 11.91
CA THR A 151 15.98 -23.55 12.37
C THR A 151 16.48 -24.43 13.52
N LYS A 152 17.69 -24.95 13.40
CA LYS A 152 18.29 -25.69 14.50
C LYS A 152 18.39 -24.86 15.74
N ALA A 153 18.87 -23.63 15.61
CA ALA A 153 19.05 -22.77 16.80
C ALA A 153 17.72 -22.23 17.33
N ARG A 154 16.64 -22.39 16.59
CA ARG A 154 15.35 -21.74 16.91
C ARG A 154 15.42 -20.18 17.07
N TRP A 155 16.22 -19.54 16.24
CA TRP A 155 16.47 -18.10 16.37
C TRP A 155 17.15 -17.58 15.14
N GLY A 156 16.73 -16.40 14.67
CA GLY A 156 17.34 -15.87 13.49
C GLY A 156 16.88 -14.49 13.12
N ARG A 157 17.75 -13.83 12.35
CA ARG A 157 17.45 -12.52 11.77
C ARG A 157 17.88 -12.49 10.31
N ILE A 158 16.92 -12.27 9.41
CA ILE A 158 17.23 -12.05 7.98
C ILE A 158 16.77 -10.65 7.65
N ILE A 159 17.68 -9.85 7.14
CA ILE A 159 17.41 -8.46 6.81
C ILE A 159 17.87 -8.18 5.37
N ASN A 160 16.93 -7.79 4.53
CA ASN A 160 17.16 -7.53 3.15
C ASN A 160 17.26 -6.02 2.87
N ILE A 161 18.33 -5.59 2.24
CA ILE A 161 18.53 -4.18 1.96
C ILE A 161 18.11 -3.91 0.54
N GLY A 162 17.20 -2.97 0.35
CA GLY A 162 16.75 -2.63 -1.01
C GLY A 162 17.80 -1.75 -1.67
N SER A 163 17.54 -1.38 -2.92
CA SER A 163 18.48 -0.52 -3.66
C SER A 163 18.30 0.96 -3.37
N VAL A 164 19.41 1.67 -3.42
CA VAL A 164 19.46 3.12 -3.31
C VAL A 164 18.86 3.81 -4.54
N VAL A 165 18.19 4.94 -4.31
CA VAL A 165 17.56 5.73 -5.38
C VAL A 165 18.60 6.32 -6.32
N GLY A 166 18.15 6.72 -7.49
CA GLY A 166 18.89 7.69 -8.29
C GLY A 166 19.37 7.21 -9.62
N ALA A 167 18.82 6.08 -10.06
CA ALA A 167 19.06 5.62 -11.42
C ALA A 167 18.48 6.62 -12.45
N MET A 168 19.15 6.74 -13.58
CA MET A 168 18.79 7.73 -14.57
C MET A 168 17.53 7.33 -15.33
N GLY A 169 16.75 8.35 -15.68
CA GLY A 169 15.63 8.22 -16.58
C GLY A 169 14.42 7.59 -15.93
N ASN A 170 13.38 7.46 -16.75
CA ASN A 170 12.19 6.68 -16.41
C ASN A 170 12.56 5.19 -16.17
N ALA A 171 13.49 4.69 -16.98
CA ALA A 171 14.01 3.35 -16.86
C ALA A 171 14.51 3.06 -15.43
N GLY A 172 15.18 4.04 -14.83
CA GLY A 172 15.63 3.95 -13.46
C GLY A 172 14.51 3.96 -12.42
N GLN A 173 13.49 4.78 -12.63
CA GLN A 173 12.40 4.86 -11.66
C GLN A 173 11.56 3.59 -11.69
N THR A 174 11.40 3.03 -12.90
CA THR A 174 10.65 1.82 -13.12
C THR A 174 11.32 0.64 -12.42
N ASN A 175 12.62 0.51 -12.66
CA ASN A 175 13.46 -0.51 -12.03
C ASN A 175 13.46 -0.35 -10.51
N TYR A 176 13.57 0.88 -10.01
CA TYR A 176 13.59 1.16 -8.57
C TYR A 176 12.26 0.74 -7.92
N ALA A 177 11.14 1.11 -8.55
CA ALA A 177 9.82 0.78 -7.98
C ALA A 177 9.57 -0.72 -8.02
N ALA A 178 9.95 -1.36 -9.12
CA ALA A 178 9.81 -2.79 -9.30
C ALA A 178 10.64 -3.59 -8.28
N ALA A 179 11.89 -3.19 -8.05
CA ALA A 179 12.74 -3.86 -7.08
C ALA A 179 12.15 -3.72 -5.69
N LYS A 180 11.61 -2.54 -5.36
CA LYS A 180 11.03 -2.28 -4.01
C LYS A 180 9.74 -3.09 -3.76
N ALA A 181 8.84 -3.12 -4.75
CA ALA A 181 7.62 -3.90 -4.61
C ALA A 181 7.93 -5.40 -4.44
N GLY A 182 8.85 -5.91 -5.27
CA GLY A 182 9.28 -7.30 -5.21
C GLY A 182 9.92 -7.63 -3.86
N LEU A 183 10.78 -6.76 -3.36
CA LEU A 183 11.40 -6.94 -2.08
C LEU A 183 10.40 -6.95 -0.91
N GLU A 184 9.40 -6.09 -0.96
CA GLU A 184 8.39 -6.03 0.09
C GLU A 184 7.59 -7.31 0.15
N GLY A 185 7.08 -7.75 -0.99
CA GLY A 185 6.28 -8.97 -1.02
C GLY A 185 7.10 -10.19 -0.63
N PHE A 186 8.34 -10.23 -1.10
CA PHE A 186 9.23 -11.35 -0.82
C PHE A 186 9.48 -11.46 0.68
N THR A 187 9.80 -10.32 1.28
CA THR A 187 10.13 -10.24 2.69
C THR A 187 8.93 -10.69 3.55
N ARG A 188 7.74 -10.24 3.17
CA ARG A 188 6.55 -10.59 3.92
C ARG A 188 6.22 -12.07 3.82
N ALA A 189 6.37 -12.65 2.64
CA ALA A 189 6.09 -14.07 2.47
C ALA A 189 7.08 -14.92 3.20
N LEU A 190 8.36 -14.59 3.11
CA LEU A 190 9.34 -15.40 3.77
C LEU A 190 9.15 -15.30 5.29
N ALA A 191 8.83 -14.11 5.79
CA ALA A 191 8.57 -13.95 7.21
C ALA A 191 7.47 -14.90 7.68
N ARG A 192 6.45 -15.07 6.85
CA ARG A 192 5.37 -15.99 7.12
C ARG A 192 5.78 -17.45 7.12
N GLU A 193 6.63 -17.83 6.17
CA GLU A 193 7.07 -19.17 6.05
C GLU A 193 7.89 -19.59 7.28
N VAL A 194 8.69 -18.71 7.86
CA VAL A 194 9.68 -19.11 8.87
C VAL A 194 9.35 -18.63 10.30
N GLY A 195 8.26 -17.92 10.46
CA GLY A 195 7.91 -17.28 11.69
C GLY A 195 7.81 -18.20 12.89
N SER A 196 7.25 -19.38 12.71
CA SER A 196 7.00 -20.27 13.83
C SER A 196 8.32 -20.72 14.49
N ARG A 197 9.44 -20.52 13.79
CA ARG A 197 10.77 -20.88 14.26
C ARG A 197 11.53 -19.76 14.95
N ALA A 198 10.82 -18.67 15.24
CA ALA A 198 11.40 -17.49 15.91
C ALA A 198 12.53 -16.82 15.07
N ILE A 199 12.40 -16.92 13.76
CA ILE A 199 13.23 -16.23 12.83
C ILE A 199 12.43 -15.03 12.29
N THR A 200 12.98 -13.83 12.44
CA THR A 200 12.36 -12.67 11.81
C THR A 200 13.02 -12.36 10.47
N VAL A 201 12.20 -11.87 9.54
CA VAL A 201 12.61 -11.49 8.22
C VAL A 201 12.06 -10.10 7.96
N ASN A 202 12.94 -9.16 7.71
CA ASN A 202 12.56 -7.78 7.48
C ASN A 202 13.43 -7.16 6.39
N ALA A 203 13.02 -5.97 5.96
CA ALA A 203 13.73 -5.27 4.91
C ALA A 203 13.91 -3.81 5.27
N VAL A 204 14.88 -3.18 4.63
CA VAL A 204 15.12 -1.75 4.77
C VAL A 204 15.17 -1.18 3.39
N ALA A 205 14.33 -0.19 3.12
CA ALA A 205 14.26 0.40 1.80
C ALA A 205 14.91 1.80 1.87
N PRO A 206 16.19 1.91 1.48
CA PRO A 206 16.83 3.26 1.49
C PRO A 206 16.30 4.19 0.40
N GLY A 207 16.39 5.50 0.65
CA GLY A 207 16.14 6.52 -0.38
C GLY A 207 17.49 6.95 -0.97
N PHE A 208 17.74 8.28 -0.99
CA PHE A 208 18.91 8.88 -1.57
C PHE A 208 19.98 8.96 -0.47
N ILE A 209 20.99 8.12 -0.58
CA ILE A 209 21.99 7.97 0.47
C ILE A 209 23.31 8.32 -0.08
N ASP A 210 24.09 9.03 0.69
CA ASP A 210 25.44 9.45 0.29
C ASP A 210 26.38 8.25 0.16
N THR A 211 26.63 7.83 -1.08
CA THR A 211 27.55 6.71 -1.37
C THR A 211 28.34 7.01 -2.63
N ASP A 212 29.20 6.06 -3.00
CA ASP A 212 30.07 6.20 -4.16
C ASP A 212 29.30 6.44 -5.41
N MET A 213 28.28 5.62 -5.59
CA MET A 213 27.45 5.72 -6.75
C MET A 213 26.82 7.14 -6.76
N THR A 214 26.28 7.60 -5.63
CA THR A 214 25.53 8.88 -5.62
C THR A 214 26.42 10.13 -5.74
N ARG A 215 27.61 10.10 -5.16
CA ARG A 215 28.50 11.26 -5.30
C ARG A 215 28.95 11.49 -6.76
N GLU A 216 28.93 10.44 -7.57
CA GLU A 216 29.38 10.52 -8.95
C GLU A 216 28.24 10.76 -9.95
N LEU A 217 27.03 11.00 -9.47
CA LEU A 217 25.90 11.34 -10.34
C LEU A 217 26.05 12.78 -10.83
N PRO A 218 25.55 13.07 -12.04
CA PRO A 218 25.53 14.44 -12.52
C PRO A 218 24.87 15.35 -11.48
N GLU A 219 25.43 16.54 -11.31
CA GLU A 219 24.97 17.49 -10.30
C GLU A 219 23.50 17.88 -10.45
N ALA A 220 22.99 17.95 -11.67
CA ALA A 220 21.59 18.27 -11.90
C ALA A 220 20.68 17.21 -11.33
N GLN A 221 21.09 15.96 -11.49
CA GLN A 221 20.30 14.84 -11.04
C GLN A 221 20.31 14.75 -9.49
N ARG A 222 21.48 14.96 -8.88
CA ARG A 222 21.60 15.06 -7.45
C ARG A 222 20.74 16.19 -6.88
N GLU A 223 20.77 17.35 -7.52
CA GLU A 223 20.02 18.51 -7.02
C GLU A 223 18.51 18.29 -7.16
N ALA A 224 18.06 17.67 -8.26
CA ALA A 224 16.64 17.42 -8.44
C ALA A 224 16.15 16.42 -7.36
N LEU A 225 16.98 15.41 -7.06
CA LEU A 225 16.61 14.41 -6.06
C LEU A 225 16.56 15.01 -4.65
N LEU A 226 17.55 15.82 -4.29
CA LEU A 226 17.53 16.57 -3.05
C LEU A 226 16.29 17.48 -2.85
N GLY A 227 15.82 18.04 -3.95
CA GLY A 227 14.65 18.91 -3.92
C GLY A 227 13.39 18.15 -3.56
N GLN A 228 13.42 16.82 -3.68
CA GLN A 228 12.29 15.96 -3.35
C GLN A 228 12.34 15.34 -1.96
N ILE A 229 13.34 15.69 -1.17
CA ILE A 229 13.51 15.11 0.16
C ILE A 229 13.09 16.13 1.20
N PRO A 230 11.99 15.85 1.92
CA PRO A 230 11.55 16.75 2.96
C PRO A 230 12.64 17.15 3.96
N LEU A 231 13.50 16.20 4.40
CA LEU A 231 14.59 16.57 5.32
C LEU A 231 15.65 17.45 4.67
N GLY A 232 15.63 17.59 3.35
CA GLY A 232 16.52 18.51 2.70
C GLY A 232 17.99 18.12 2.70
N ARG A 233 18.28 16.83 2.82
CA ARG A 233 19.64 16.34 2.76
C ARG A 233 19.63 14.88 2.34
N LEU A 234 20.80 14.39 1.93
CA LEU A 234 21.01 12.95 1.68
C LEU A 234 21.17 12.22 2.95
N GLY A 235 20.85 10.93 2.96
CA GLY A 235 21.09 10.08 4.16
C GLY A 235 22.54 9.64 4.23
N GLN A 236 23.06 9.41 5.43
CA GLN A 236 24.36 8.77 5.61
C GLN A 236 24.18 7.25 5.65
N ALA A 237 25.18 6.55 5.16
CA ALA A 237 25.20 5.10 5.22
C ALA A 237 24.97 4.56 6.66
N GLU A 238 25.50 5.29 7.66
CA GLU A 238 25.33 4.98 9.07
C GLU A 238 23.86 4.99 9.48
N GLU A 239 23.07 5.85 8.83
CA GLU A 239 21.68 5.96 9.17
C GLU A 239 20.86 4.76 8.68
N ILE A 240 21.31 4.08 7.64
CA ILE A 240 20.75 2.77 7.28
C ILE A 240 21.23 1.69 8.29
N ALA A 241 22.52 1.75 8.61
CA ALA A 241 23.10 0.73 9.47
C ALA A 241 22.46 0.67 10.81
N LYS A 242 22.08 1.82 11.36
CA LYS A 242 21.50 1.83 12.67
C LYS A 242 20.16 1.14 12.68
N VAL A 243 19.39 1.27 11.58
CA VAL A 243 18.09 0.62 11.48
C VAL A 243 18.31 -0.89 11.46
N VAL A 244 19.28 -1.32 10.68
CA VAL A 244 19.65 -2.76 10.56
C VAL A 244 20.08 -3.30 11.93
N GLY A 245 20.91 -2.55 12.61
CA GLY A 245 21.35 -2.97 13.95
C GLY A 245 20.19 -3.16 14.90
N PHE A 246 19.24 -2.22 14.89
CA PHE A 246 18.03 -2.43 15.69
C PHE A 246 17.22 -3.67 15.29
N LEU A 247 17.02 -3.89 13.97
CA LEU A 247 16.25 -5.04 13.53
C LEU A 247 16.88 -6.38 13.94
N ALA A 248 18.20 -6.43 14.02
CA ALA A 248 18.95 -7.61 14.45
C ALA A 248 18.87 -7.90 15.96
N SER A 249 18.44 -6.93 16.75
CA SER A 249 18.46 -7.00 18.17
C SER A 249 17.24 -7.73 18.73
N ASP A 250 17.36 -8.13 20.00
CA ASP A 250 16.24 -8.79 20.72
C ASP A 250 15.02 -7.88 20.86
N GLY A 251 15.25 -6.57 20.97
CA GLY A 251 14.18 -5.62 21.06
C GLY A 251 13.26 -5.58 19.85
N ALA A 252 13.71 -6.07 18.69
CA ALA A 252 12.90 -6.14 17.46
C ALA A 252 12.31 -7.52 17.22
N ALA A 253 12.26 -8.35 18.27
CA ALA A 253 11.80 -9.72 18.12
C ALA A 253 10.35 -9.84 17.61
N TYR A 254 9.49 -8.85 17.84
CA TYR A 254 8.11 -8.94 17.33
C TYR A 254 7.90 -8.28 15.96
N VAL A 255 8.98 -7.72 15.39
CA VAL A 255 8.92 -7.08 14.08
C VAL A 255 9.32 -8.13 13.08
N THR A 256 8.39 -8.51 12.22
CA THR A 256 8.70 -9.38 11.09
C THR A 256 7.75 -9.14 9.92
N GLY A 257 8.24 -9.32 8.69
CA GLY A 257 7.51 -9.07 7.49
C GLY A 257 7.54 -7.63 7.06
N ALA A 258 8.25 -6.80 7.80
CA ALA A 258 8.21 -5.35 7.61
C ALA A 258 9.26 -4.87 6.63
N THR A 259 8.93 -3.78 5.95
CA THR A 259 9.89 -3.02 5.17
C THR A 259 9.96 -1.63 5.71
N VAL A 260 11.08 -1.28 6.35
CA VAL A 260 11.24 0.02 6.95
C VAL A 260 11.86 0.98 5.94
N PRO A 261 11.11 2.01 5.53
CA PRO A 261 11.73 2.99 4.58
C PRO A 261 12.63 3.92 5.31
N VAL A 262 13.82 4.20 4.76
CA VAL A 262 14.75 5.08 5.39
C VAL A 262 15.14 6.09 4.32
N ASN A 263 14.32 7.13 4.15
CA ASN A 263 14.38 7.96 2.96
C ASN A 263 14.14 9.45 3.16
N GLY A 264 14.28 9.91 4.40
CA GLY A 264 14.11 11.32 4.68
C GLY A 264 12.73 11.88 4.31
N GLY A 265 11.76 11.00 4.10
CA GLY A 265 10.40 11.43 3.74
C GLY A 265 10.11 11.50 2.24
N MET A 266 11.05 11.10 1.40
CA MET A 266 10.84 11.01 -0.05
C MET A 266 10.32 9.65 -0.44
N TYR A 267 9.03 9.54 -0.73
CA TYR A 267 8.44 8.23 -1.13
C TYR A 267 8.17 8.16 -2.64
N MET A 268 8.98 7.32 -3.29
CA MET A 268 8.96 7.20 -4.72
C MET A 268 8.27 5.90 -5.03
N SER A 269 7.19 6.01 -5.81
CA SER A 269 6.26 4.91 -6.08
C SER A 269 6.17 4.67 -7.60
N SER B 22 -20.27 3.64 -29.68
CA SER B 22 -20.49 2.44 -28.83
C SER B 22 -19.14 1.90 -28.25
N MET B 23 -19.24 0.89 -27.39
CA MET B 23 -18.03 0.29 -26.75
C MET B 23 -17.85 -1.18 -27.17
N SER B 24 -18.02 -1.34 -28.47
CA SER B 24 -17.93 -2.61 -29.18
C SER B 24 -16.46 -3.01 -29.22
N LEU B 25 -16.20 -4.31 -29.08
CA LEU B 25 -14.86 -4.86 -29.34
C LEU B 25 -14.82 -5.46 -30.75
N GLN B 26 -15.84 -5.16 -31.58
CA GLN B 26 -15.89 -5.64 -32.99
C GLN B 26 -14.61 -5.29 -33.70
N GLY B 27 -14.06 -6.25 -34.42
CA GLY B 27 -12.85 -6.05 -35.15
C GLY B 27 -11.58 -6.34 -34.36
N LYS B 28 -11.71 -6.58 -33.06
CA LYS B 28 -10.55 -7.00 -32.28
C LYS B 28 -10.51 -8.48 -32.04
N VAL B 29 -9.27 -8.97 -31.95
CA VAL B 29 -8.95 -10.30 -31.60
C VAL B 29 -8.43 -10.32 -30.17
N ALA B 30 -9.07 -11.18 -29.36
CA ALA B 30 -8.74 -11.34 -27.97
C ALA B 30 -8.27 -12.78 -27.69
N LEU B 31 -7.12 -12.91 -27.00
CA LEU B 31 -6.61 -14.14 -26.53
C LEU B 31 -6.90 -14.21 -25.02
N VAL B 32 -7.54 -15.30 -24.60
CA VAL B 32 -7.78 -15.57 -23.18
C VAL B 32 -7.18 -16.93 -22.82
N THR B 33 -6.14 -16.92 -21.99
CA THR B 33 -5.55 -18.16 -21.54
C THR B 33 -6.35 -18.77 -20.38
N GLY B 34 -6.38 -20.09 -20.29
CA GLY B 34 -7.12 -20.79 -19.24
C GLY B 34 -8.62 -20.57 -19.36
N ALA B 35 -9.19 -20.77 -20.58
CA ALA B 35 -10.56 -20.39 -20.85
C ALA B 35 -11.59 -21.50 -20.82
N SER B 36 -11.23 -22.71 -20.35
CA SER B 36 -12.17 -23.84 -20.44
C SER B 36 -13.21 -23.92 -19.32
N ARG B 37 -13.00 -23.18 -18.24
CA ARG B 37 -13.94 -23.20 -17.11
C ARG B 37 -13.85 -21.92 -16.29
N GLY B 38 -14.84 -21.74 -15.42
CA GLY B 38 -14.88 -20.68 -14.43
C GLY B 38 -14.60 -19.28 -14.97
N ILE B 39 -13.63 -18.62 -14.37
CA ILE B 39 -13.34 -17.20 -14.63
C ILE B 39 -12.89 -16.97 -16.07
N GLY B 40 -11.97 -17.79 -16.54
CA GLY B 40 -11.49 -17.75 -17.90
C GLY B 40 -12.60 -17.92 -18.94
N GLN B 41 -13.50 -18.86 -18.73
CA GLN B 41 -14.63 -19.11 -19.70
C GLN B 41 -15.57 -17.95 -19.69
N ALA B 42 -15.88 -17.41 -18.52
CA ALA B 42 -16.78 -16.27 -18.46
C ALA B 42 -16.14 -15.03 -19.12
N ILE B 43 -14.83 -14.84 -18.95
CA ILE B 43 -14.16 -13.71 -19.60
C ILE B 43 -14.23 -13.87 -21.11
N ALA B 44 -13.98 -15.08 -21.59
CA ALA B 44 -14.04 -15.39 -22.99
C ALA B 44 -15.41 -15.07 -23.56
N LEU B 45 -16.48 -15.44 -22.86
CA LEU B 45 -17.83 -15.14 -23.36
C LEU B 45 -18.18 -13.68 -23.28
N GLU B 46 -17.71 -12.99 -22.23
CA GLU B 46 -17.99 -11.54 -22.12
C GLU B 46 -17.30 -10.78 -23.28
N LEU B 47 -16.04 -11.12 -23.60
CA LEU B 47 -15.39 -10.49 -24.75
C LEU B 47 -16.07 -10.84 -26.08
N GLY B 48 -16.55 -12.06 -26.21
CA GLY B 48 -17.29 -12.46 -27.41
C GLY B 48 -18.62 -11.70 -27.57
N ARG B 49 -19.37 -11.61 -26.48
CA ARG B 49 -20.59 -10.86 -26.41
C ARG B 49 -20.37 -9.40 -26.80
N LEU B 50 -19.23 -8.83 -26.40
CA LEU B 50 -18.89 -7.46 -26.81
C LEU B 50 -18.44 -7.35 -28.29
N GLY B 51 -18.38 -8.46 -29.01
CA GLY B 51 -18.04 -8.50 -30.44
C GLY B 51 -16.61 -8.91 -30.86
N ALA B 52 -15.74 -9.17 -29.90
CA ALA B 52 -14.42 -9.67 -30.19
C ALA B 52 -14.44 -11.08 -30.84
N VAL B 53 -13.48 -11.34 -31.72
CA VAL B 53 -13.10 -12.69 -32.10
C VAL B 53 -12.21 -13.25 -30.95
N VAL B 54 -12.58 -14.40 -30.41
CA VAL B 54 -11.96 -14.88 -29.15
C VAL B 54 -11.22 -16.20 -29.33
N ILE B 55 -9.96 -16.19 -28.95
CA ILE B 55 -9.16 -17.38 -28.91
C ILE B 55 -8.94 -17.71 -27.45
N GLY B 56 -9.46 -18.85 -27.04
CA GLY B 56 -9.37 -19.33 -25.70
C GLY B 56 -8.39 -20.48 -25.71
N THR B 57 -7.55 -20.56 -24.68
CA THR B 57 -6.63 -21.64 -24.55
C THR B 57 -6.87 -22.59 -23.35
N ALA B 58 -6.42 -23.82 -23.51
CA ALA B 58 -6.37 -24.84 -22.46
C ALA B 58 -5.06 -25.59 -22.64
N THR B 59 -4.76 -26.45 -21.68
CA THR B 59 -3.48 -27.14 -21.64
C THR B 59 -3.57 -28.53 -22.25
N SER B 60 -4.80 -29.01 -22.50
CA SER B 60 -5.06 -30.27 -23.24
C SER B 60 -5.94 -30.04 -24.45
N ALA B 61 -5.85 -30.94 -25.42
CA ALA B 61 -6.75 -30.97 -26.60
C ALA B 61 -8.21 -31.04 -26.23
N SER B 62 -8.51 -31.74 -25.15
CA SER B 62 -9.86 -31.88 -24.65
C SER B 62 -10.42 -30.50 -24.23
N GLY B 63 -9.62 -29.76 -23.46
CA GLY B 63 -9.93 -28.37 -23.07
C GLY B 63 -10.17 -27.46 -24.25
N ALA B 64 -9.28 -27.50 -25.21
CA ALA B 64 -9.37 -26.66 -26.39
C ALA B 64 -10.63 -26.92 -27.19
N GLU B 65 -11.02 -28.19 -27.29
CA GLU B 65 -12.18 -28.57 -28.07
C GLU B 65 -13.43 -28.07 -27.37
N LYS B 66 -13.42 -28.18 -26.05
CA LYS B 66 -14.53 -27.74 -25.23
C LYS B 66 -14.72 -26.22 -25.39
N ILE B 67 -13.60 -25.51 -25.42
CA ILE B 67 -13.65 -24.06 -25.60
C ILE B 67 -14.34 -23.76 -26.97
N ALA B 68 -13.90 -24.45 -28.01
CA ALA B 68 -14.45 -24.22 -29.33
C ALA B 68 -15.96 -24.41 -29.29
N GLU B 69 -16.43 -25.48 -28.66
CA GLU B 69 -17.88 -25.78 -28.54
C GLU B 69 -18.65 -24.75 -27.75
N THR B 70 -18.07 -24.31 -26.63
CA THR B 70 -18.68 -23.25 -25.85
C THR B 70 -18.82 -21.94 -26.66
N LEU B 71 -17.79 -21.58 -27.40
CA LEU B 71 -17.84 -20.35 -28.16
C LEU B 71 -18.96 -20.45 -29.20
N LYS B 72 -18.97 -21.53 -29.94
CA LYS B 72 -19.99 -21.77 -30.96
C LYS B 72 -21.41 -21.71 -30.39
N ALA B 73 -21.65 -22.44 -29.30
CA ALA B 73 -22.96 -22.46 -28.67
C ALA B 73 -23.42 -21.07 -28.25
N ASN B 74 -22.49 -20.15 -28.06
CA ASN B 74 -22.84 -18.79 -27.68
C ASN B 74 -22.72 -17.78 -28.80
N GLY B 75 -22.53 -18.25 -30.01
CA GLY B 75 -22.45 -17.36 -31.18
C GLY B 75 -21.16 -16.56 -31.33
N VAL B 76 -20.09 -16.99 -30.66
CA VAL B 76 -18.84 -16.23 -30.67
C VAL B 76 -17.90 -16.81 -31.71
N GLU B 77 -17.35 -15.96 -32.55
CA GLU B 77 -16.35 -16.41 -33.50
C GLU B 77 -15.00 -16.49 -32.81
N GLY B 78 -14.21 -17.49 -33.18
CA GLY B 78 -12.87 -17.65 -32.66
C GLY B 78 -12.40 -19.08 -32.72
N ALA B 79 -11.75 -19.54 -31.65
CA ALA B 79 -11.13 -20.80 -31.62
C ALA B 79 -10.70 -21.21 -30.24
N GLY B 80 -10.59 -22.53 -30.04
CA GLY B 80 -9.99 -23.09 -28.85
C GLY B 80 -8.68 -23.70 -29.23
N LEU B 81 -7.61 -23.43 -28.47
CA LEU B 81 -6.33 -24.04 -28.77
C LEU B 81 -5.52 -24.40 -27.52
N VAL B 82 -4.45 -25.17 -27.73
CA VAL B 82 -3.61 -25.72 -26.68
C VAL B 82 -2.39 -24.86 -26.49
N LEU B 83 -2.22 -24.39 -25.29
CA LEU B 83 -1.12 -23.48 -24.98
C LEU B 83 -0.58 -23.84 -23.60
N ASP B 84 0.73 -23.96 -23.54
CA ASP B 84 1.43 -24.11 -22.27
C ASP B 84 2.24 -22.81 -22.10
N VAL B 85 1.80 -21.96 -21.17
CA VAL B 85 2.47 -20.66 -20.96
C VAL B 85 3.89 -20.79 -20.39
N SER B 86 4.26 -21.95 -19.87
CA SER B 86 5.62 -22.17 -19.31
C SER B 86 6.67 -22.51 -20.37
N SER B 87 6.28 -22.58 -21.64
CA SER B 87 7.15 -23.04 -22.72
C SER B 87 7.25 -21.99 -23.85
N ASP B 88 8.48 -21.52 -24.10
CA ASP B 88 8.72 -20.54 -25.17
C ASP B 88 8.21 -21.03 -26.50
N GLU B 89 8.38 -22.33 -26.71
CA GLU B 89 8.04 -22.96 -27.96
C GLU B 89 6.54 -22.98 -28.22
N SER B 90 5.79 -23.41 -27.21
CA SER B 90 4.33 -23.41 -27.31
C SER B 90 3.76 -21.99 -27.51
N VAL B 91 4.33 -21.00 -26.81
CA VAL B 91 3.91 -19.61 -26.98
C VAL B 91 4.15 -19.11 -28.40
N ALA B 92 5.39 -19.16 -28.86
CA ALA B 92 5.76 -18.70 -30.21
C ALA B 92 4.93 -19.39 -31.25
N ALA B 93 4.72 -20.69 -31.09
CA ALA B 93 3.97 -21.47 -32.05
C ALA B 93 2.50 -21.09 -32.08
N THR B 94 1.92 -20.94 -30.89
CA THR B 94 0.52 -20.55 -30.80
C THR B 94 0.30 -19.17 -31.43
N LEU B 95 1.17 -18.23 -31.11
CA LEU B 95 0.96 -16.89 -31.66
C LEU B 95 1.02 -16.93 -33.15
N GLU B 96 1.96 -17.71 -33.70
CA GLU B 96 2.08 -17.85 -35.15
C GLU B 96 0.78 -18.36 -35.77
N HIS B 97 0.21 -19.42 -35.20
CA HIS B 97 -1.08 -19.93 -35.66
C HIS B 97 -2.15 -18.85 -35.66
N ILE B 98 -2.19 -18.03 -34.61
CA ILE B 98 -3.23 -17.02 -34.50
C ILE B 98 -3.02 -15.98 -35.59
N GLN B 99 -1.77 -15.57 -35.76
CA GLN B 99 -1.41 -14.55 -36.75
C GLN B 99 -1.71 -15.00 -38.18
N GLN B 100 -1.37 -16.24 -38.52
CA GLN B 100 -1.64 -16.76 -39.87
C GLN B 100 -3.13 -16.69 -40.15
N HIS B 101 -3.91 -17.22 -39.20
CA HIS B 101 -5.33 -17.49 -39.43
C HIS B 101 -6.29 -16.35 -39.10
N LEU B 102 -5.97 -15.55 -38.08
CA LEU B 102 -6.91 -14.52 -37.60
C LEU B 102 -6.34 -13.12 -37.47
N GLY B 103 -5.04 -12.96 -37.33
CA GLY B 103 -4.43 -11.65 -37.12
C GLY B 103 -3.86 -11.54 -35.71
N GLN B 104 -3.37 -10.35 -35.39
CA GLN B 104 -2.71 -10.10 -34.13
C GLN B 104 -3.72 -9.96 -32.97
N PRO B 105 -3.56 -10.73 -31.92
CA PRO B 105 -4.36 -10.46 -30.73
C PRO B 105 -3.94 -9.17 -30.04
N LEU B 106 -4.87 -8.23 -29.94
CA LEU B 106 -4.58 -6.92 -29.35
C LEU B 106 -5.15 -6.79 -27.96
N ILE B 107 -5.94 -7.77 -27.55
CA ILE B 107 -6.43 -7.91 -26.18
C ILE B 107 -5.92 -9.27 -25.71
N VAL B 108 -5.13 -9.30 -24.63
CA VAL B 108 -4.63 -10.55 -24.08
C VAL B 108 -4.96 -10.56 -22.61
N VAL B 109 -5.65 -11.63 -22.18
CA VAL B 109 -6.01 -11.84 -20.81
C VAL B 109 -5.32 -13.11 -20.27
N ASN B 110 -4.47 -12.92 -19.26
CA ASN B 110 -3.65 -13.99 -18.72
C ASN B 110 -4.36 -14.55 -17.51
N ASN B 111 -4.91 -15.75 -17.66
CA ASN B 111 -5.65 -16.37 -16.61
C ASN B 111 -5.07 -17.71 -16.21
N ALA B 112 -4.12 -18.23 -16.99
CA ALA B 112 -3.51 -19.59 -16.82
C ALA B 112 -2.38 -19.77 -15.79
N GLU B 127 7.91 -23.14 -1.00
CA GLU B 127 7.09 -23.45 -2.18
C GLU B 127 6.28 -22.24 -2.75
N TRP B 128 5.91 -21.25 -1.92
CA TRP B 128 5.33 -19.98 -2.45
C TRP B 128 6.30 -19.31 -3.46
N PHE B 129 7.61 -19.44 -3.22
CA PHE B 129 8.55 -18.76 -4.07
C PHE B 129 8.54 -19.30 -5.50
N ASP B 130 8.62 -20.63 -5.63
CA ASP B 130 8.60 -21.30 -6.93
C ASP B 130 7.31 -20.98 -7.71
N VAL B 131 6.19 -20.99 -7.02
CA VAL B 131 4.91 -20.77 -7.68
C VAL B 131 4.85 -19.35 -8.25
N VAL B 132 5.18 -18.38 -7.42
CA VAL B 132 5.11 -16.98 -7.84
C VAL B 132 6.17 -16.67 -8.90
N ASN B 133 7.41 -17.09 -8.67
CA ASN B 133 8.45 -16.90 -9.66
C ASN B 133 8.13 -17.51 -11.04
N THR B 134 7.58 -18.73 -11.04
CA THR B 134 7.20 -19.43 -12.28
C THR B 134 6.07 -18.69 -12.98
N ASN B 135 5.06 -18.25 -12.23
CA ASN B 135 3.94 -17.55 -12.81
C ASN B 135 4.35 -16.22 -13.42
N LEU B 136 5.25 -15.49 -12.78
CA LEU B 136 5.61 -14.18 -13.30
C LEU B 136 6.50 -14.33 -14.53
N ASN B 137 7.39 -15.31 -14.50
CA ASN B 137 8.17 -15.64 -15.68
C ASN B 137 7.26 -16.02 -16.84
N SER B 138 6.12 -16.65 -16.58
CA SER B 138 5.15 -16.92 -17.63
C SER B 138 4.43 -15.66 -18.12
N LEU B 139 3.99 -14.79 -17.21
CA LEU B 139 3.36 -13.57 -17.65
C LEU B 139 4.33 -12.81 -18.55
N TYR B 140 5.61 -12.78 -18.18
CA TYR B 140 6.59 -12.02 -18.91
C TYR B 140 6.70 -12.61 -20.30
N ARG B 141 6.86 -13.92 -20.35
CA ARG B 141 7.06 -14.62 -21.61
C ARG B 141 5.88 -14.36 -22.55
N LEU B 142 4.65 -14.52 -22.07
CA LEU B 142 3.50 -14.32 -22.95
C LEU B 142 3.37 -12.84 -23.34
N SER B 143 3.59 -11.98 -22.37
CA SER B 143 3.42 -10.53 -22.59
C SER B 143 4.37 -9.99 -23.65
N LYS B 144 5.64 -10.32 -23.52
CA LYS B 144 6.61 -9.94 -24.52
C LYS B 144 6.32 -10.46 -25.94
N ALA B 145 5.82 -11.67 -26.06
CA ALA B 145 5.54 -12.18 -27.37
C ALA B 145 4.36 -11.43 -28.00
N VAL B 146 3.34 -11.05 -27.23
CA VAL B 146 2.17 -10.36 -27.83
C VAL B 146 2.39 -8.85 -28.02
N LEU B 147 3.41 -8.31 -27.38
CA LEU B 147 3.69 -6.90 -27.49
C LEU B 147 4.07 -6.43 -28.86
N ARG B 148 4.69 -7.31 -29.66
CA ARG B 148 5.08 -6.93 -31.03
C ARG B 148 3.87 -6.57 -31.86
N GLY B 149 2.88 -7.45 -31.87
CA GLY B 149 1.61 -7.16 -32.55
C GLY B 149 0.98 -5.87 -32.07
N MET B 150 1.04 -5.62 -30.77
CA MET B 150 0.40 -4.44 -30.20
C MET B 150 1.16 -3.17 -30.56
N THR B 151 2.48 -3.26 -30.56
CA THR B 151 3.34 -2.14 -30.93
C THR B 151 3.07 -1.75 -32.41
N LYS B 152 2.96 -2.74 -33.29
CA LYS B 152 2.61 -2.45 -34.67
C LYS B 152 1.29 -1.74 -34.75
N ALA B 153 0.31 -2.22 -34.02
CA ALA B 153 -1.03 -1.59 -34.09
C ALA B 153 -1.15 -0.29 -33.29
N ARG B 154 -0.14 0.05 -32.50
CA ARG B 154 -0.19 1.18 -31.58
C ARG B 154 -1.36 1.17 -30.62
N TRP B 155 -1.68 -0.02 -30.11
CA TRP B 155 -2.88 -0.18 -29.33
C TRP B 155 -2.85 -1.53 -28.71
N GLY B 156 -3.27 -1.60 -27.46
CA GLY B 156 -3.30 -2.90 -26.81
C GLY B 156 -3.88 -2.87 -25.42
N ARG B 157 -4.28 -4.07 -24.99
CA ARG B 157 -4.77 -4.29 -23.66
C ARG B 157 -4.18 -5.59 -23.13
N ILE B 158 -3.44 -5.49 -22.04
CA ILE B 158 -2.98 -6.68 -21.32
C ILE B 158 -3.65 -6.66 -19.97
N ILE B 159 -4.32 -7.76 -19.64
CA ILE B 159 -5.03 -7.86 -18.40
C ILE B 159 -4.62 -9.19 -17.72
N ASN B 160 -4.03 -9.07 -16.54
CA ASN B 160 -3.58 -10.21 -15.74
C ASN B 160 -4.59 -10.54 -14.64
N ILE B 161 -5.05 -11.77 -14.60
CA ILE B 161 -5.99 -12.19 -13.59
C ILE B 161 -5.25 -12.83 -12.43
N GLY B 162 -5.42 -12.31 -11.22
CA GLY B 162 -4.77 -12.91 -10.04
C GLY B 162 -5.50 -14.19 -9.63
N SER B 163 -4.97 -14.86 -8.63
CA SER B 163 -5.57 -16.14 -8.17
C SER B 163 -6.69 -15.91 -7.13
N VAL B 164 -7.68 -16.78 -7.17
CA VAL B 164 -8.84 -16.78 -6.28
C VAL B 164 -8.43 -17.17 -4.82
N VAL B 165 -9.12 -16.61 -3.81
CA VAL B 165 -8.85 -16.91 -2.40
C VAL B 165 -9.23 -18.36 -2.02
N ASN B 170 -3.26 -20.75 6.81
CA ASN B 170 -2.08 -19.89 6.74
C ASN B 170 -1.29 -20.04 5.43
N ALA B 171 -1.01 -21.30 5.09
CA ALA B 171 -0.29 -21.63 3.85
C ALA B 171 -0.96 -21.02 2.61
N GLY B 172 -2.29 -21.08 2.57
CA GLY B 172 -3.07 -20.48 1.50
C GLY B 172 -3.06 -18.97 1.51
N GLN B 173 -3.10 -18.37 2.69
CA GLN B 173 -3.10 -16.92 2.82
C GLN B 173 -1.73 -16.32 2.40
N THR B 174 -0.66 -17.03 2.76
CA THR B 174 0.69 -16.63 2.44
C THR B 174 0.92 -16.64 0.94
N ASN B 175 0.57 -17.77 0.34
CA ASN B 175 0.66 -17.94 -1.10
C ASN B 175 -0.17 -16.88 -1.82
N TYR B 176 -1.40 -16.65 -1.35
CA TYR B 176 -2.30 -15.68 -1.95
C TYR B 176 -1.74 -14.26 -1.89
N ALA B 177 -1.23 -13.87 -0.71
CA ALA B 177 -0.67 -12.52 -0.54
C ALA B 177 0.59 -12.33 -1.39
N ALA B 178 1.46 -13.34 -1.38
CA ALA B 178 2.66 -13.31 -2.21
C ALA B 178 2.33 -13.16 -3.74
N ALA B 179 1.38 -13.97 -4.25
CA ALA B 179 1.04 -13.94 -5.66
C ALA B 179 0.44 -12.57 -6.02
N LYS B 180 -0.35 -11.98 -5.13
CA LYS B 180 -0.97 -10.68 -5.34
C LYS B 180 0.08 -9.54 -5.34
N ALA B 181 0.98 -9.53 -4.36
CA ALA B 181 2.02 -8.45 -4.29
C ALA B 181 2.91 -8.49 -5.54
N GLY B 182 3.28 -9.70 -5.97
CA GLY B 182 4.11 -9.88 -7.16
C GLY B 182 3.38 -9.43 -8.43
N LEU B 183 2.12 -9.83 -8.55
CA LEU B 183 1.32 -9.43 -9.69
C LEU B 183 1.20 -7.89 -9.77
N GLU B 184 0.98 -7.22 -8.64
CA GLU B 184 0.76 -5.80 -8.64
C GLU B 184 2.01 -5.09 -9.13
N GLY B 185 3.17 -5.44 -8.57
CA GLY B 185 4.44 -4.76 -8.93
C GLY B 185 4.79 -5.03 -10.40
N PHE B 186 4.56 -6.24 -10.83
CA PHE B 186 4.80 -6.62 -12.17
C PHE B 186 3.93 -5.81 -13.15
N THR B 187 2.64 -5.75 -12.86
CA THR B 187 1.67 -5.08 -13.68
C THR B 187 2.01 -3.58 -13.81
N ARG B 188 2.42 -2.98 -12.71
CA ARG B 188 2.78 -1.60 -12.72
C ARG B 188 4.05 -1.33 -13.52
N ALA B 189 5.05 -2.19 -13.38
CA ALA B 189 6.29 -2.00 -14.11
C ALA B 189 6.09 -2.22 -15.61
N LEU B 190 5.37 -3.23 -15.98
CA LEU B 190 5.14 -3.47 -17.42
C LEU B 190 4.34 -2.35 -18.03
N ALA B 191 3.37 -1.84 -17.29
CA ALA B 191 2.60 -0.70 -17.76
C ALA B 191 3.51 0.47 -18.10
N ARG B 192 4.48 0.72 -17.24
CA ARG B 192 5.46 1.78 -17.45
C ARG B 192 6.30 1.55 -18.69
N GLU B 193 6.73 0.32 -18.92
CA GLU B 193 7.56 0.01 -20.02
C GLU B 193 6.82 0.22 -21.36
N VAL B 194 5.51 -0.06 -21.44
CA VAL B 194 4.82 -0.08 -22.75
C VAL B 194 3.87 1.08 -22.97
N GLY B 195 3.78 1.96 -21.98
CA GLY B 195 2.80 3.02 -22.00
C GLY B 195 2.85 3.93 -23.19
N SER B 196 4.05 4.30 -23.63
CA SER B 196 4.16 5.26 -24.72
C SER B 196 3.57 4.75 -26.06
N ARG B 197 3.35 3.44 -26.14
CA ARG B 197 2.75 2.80 -27.28
C ARG B 197 1.22 2.62 -27.23
N ALA B 198 0.56 3.31 -26.27
CA ALA B 198 -0.89 3.26 -26.11
C ALA B 198 -1.35 1.82 -25.84
N ILE B 199 -0.51 1.07 -25.14
CA ILE B 199 -0.88 -0.23 -24.60
C ILE B 199 -1.10 -0.03 -23.10
N THR B 200 -2.25 -0.49 -22.59
CA THR B 200 -2.47 -0.52 -21.14
C THR B 200 -2.23 -1.90 -20.60
N VAL B 201 -1.73 -1.93 -19.37
CA VAL B 201 -1.48 -3.13 -18.64
C VAL B 201 -2.11 -3.02 -17.25
N ASN B 202 -3.05 -3.93 -16.95
CA ASN B 202 -3.78 -3.86 -15.70
C ASN B 202 -3.98 -5.27 -15.17
N ALA B 203 -4.35 -5.34 -13.90
CA ALA B 203 -4.63 -6.60 -13.26
C ALA B 203 -5.99 -6.57 -12.55
N VAL B 204 -6.58 -7.75 -12.36
CA VAL B 204 -7.78 -7.90 -11.60
C VAL B 204 -7.49 -8.93 -10.53
N ALA B 205 -7.74 -8.55 -9.28
CA ALA B 205 -7.42 -9.39 -8.14
C ALA B 205 -8.75 -9.92 -7.53
N PRO B 206 -9.17 -11.15 -7.88
CA PRO B 206 -10.43 -11.69 -7.34
C PRO B 206 -10.29 -12.09 -5.89
N GLY B 207 -11.41 -12.02 -5.17
CA GLY B 207 -11.49 -12.51 -3.79
C GLY B 207 -12.06 -13.91 -3.86
N PHE B 208 -13.11 -14.13 -3.07
CA PHE B 208 -13.79 -15.41 -2.99
C PHE B 208 -14.83 -15.46 -4.08
N ILE B 209 -14.62 -16.30 -5.09
CA ILE B 209 -15.47 -16.38 -6.25
C ILE B 209 -16.02 -17.80 -6.39
N ASP B 210 -17.27 -17.90 -6.78
CA ASP B 210 -17.93 -19.15 -6.98
C ASP B 210 -17.35 -19.90 -8.22
N THR B 211 -16.51 -20.89 -7.98
CA THR B 211 -15.90 -21.71 -9.04
C THR B 211 -15.82 -23.14 -8.55
N ASP B 212 -15.24 -24.00 -9.40
CA ASP B 212 -15.13 -25.43 -9.10
C ASP B 212 -14.25 -25.72 -7.91
N MET B 213 -13.18 -24.95 -7.76
CA MET B 213 -12.32 -25.07 -6.59
C MET B 213 -13.13 -24.71 -5.33
N THR B 214 -13.82 -23.58 -5.39
CA THR B 214 -14.55 -23.11 -4.19
C THR B 214 -15.84 -23.87 -3.85
N ARG B 215 -16.47 -24.47 -4.86
CA ARG B 215 -17.74 -25.22 -4.69
C ARG B 215 -17.72 -26.47 -3.81
N GLU B 216 -16.53 -27.03 -3.60
CA GLU B 216 -16.37 -28.19 -2.71
C GLU B 216 -15.57 -27.88 -1.45
N LEU B 217 -15.38 -26.59 -1.13
CA LEU B 217 -14.72 -26.25 0.14
C LEU B 217 -15.59 -26.62 1.35
N PRO B 218 -14.97 -27.13 2.42
CA PRO B 218 -15.75 -27.51 3.61
C PRO B 218 -16.61 -26.36 4.10
N GLU B 219 -17.80 -26.68 4.60
CA GLU B 219 -18.72 -25.69 5.14
C GLU B 219 -18.15 -24.72 6.16
N ALA B 220 -17.28 -25.20 7.05
CA ALA B 220 -16.70 -24.34 8.09
C ALA B 220 -15.82 -23.26 7.49
N GLN B 221 -15.04 -23.65 6.48
CA GLN B 221 -14.19 -22.72 5.75
C GLN B 221 -15.02 -21.68 4.95
N ARG B 222 -16.07 -22.14 4.26
CA ARG B 222 -17.02 -21.24 3.57
C ARG B 222 -17.67 -20.23 4.49
N GLU B 223 -18.13 -20.70 5.65
CA GLU B 223 -18.79 -19.83 6.57
C GLU B 223 -17.82 -18.77 7.18
N ALA B 224 -16.59 -19.18 7.47
CA ALA B 224 -15.63 -18.25 8.03
C ALA B 224 -15.30 -17.19 6.98
N LEU B 225 -15.21 -17.59 5.71
CA LEU B 225 -14.86 -16.69 4.63
C LEU B 225 -15.98 -15.68 4.41
N LEU B 226 -17.24 -16.14 4.35
CA LEU B 226 -18.39 -15.26 4.21
C LEU B 226 -18.45 -14.26 5.28
N GLY B 227 -18.03 -14.64 6.47
CA GLY B 227 -18.05 -13.71 7.60
C GLY B 227 -17.04 -12.56 7.45
N GLN B 228 -16.03 -12.76 6.62
CA GLN B 228 -15.03 -11.75 6.32
C GLN B 228 -15.40 -10.88 5.08
N ILE B 229 -16.51 -11.14 4.40
CA ILE B 229 -16.87 -10.46 3.18
C ILE B 229 -18.03 -9.52 3.48
N PRO B 230 -17.76 -8.21 3.43
CA PRO B 230 -18.81 -7.26 3.67
C PRO B 230 -20.08 -7.49 2.86
N LEU B 231 -19.99 -7.87 1.58
CA LEU B 231 -21.22 -8.08 0.78
C LEU B 231 -21.92 -9.39 1.17
N GLY B 232 -21.28 -10.21 2.01
CA GLY B 232 -21.93 -11.36 2.60
C GLY B 232 -22.20 -12.49 1.60
N ARG B 233 -21.50 -12.52 0.49
CA ARG B 233 -21.71 -13.55 -0.54
C ARG B 233 -20.44 -13.70 -1.32
N LEU B 234 -20.35 -14.80 -2.04
CA LEU B 234 -19.29 -15.04 -2.99
C LEU B 234 -19.53 -14.23 -4.24
N GLY B 235 -18.46 -13.91 -4.98
CA GLY B 235 -18.62 -13.33 -6.31
C GLY B 235 -18.91 -14.35 -7.40
N GLN B 236 -19.58 -13.91 -8.44
CA GLN B 236 -19.77 -14.76 -9.65
C GLN B 236 -18.61 -14.54 -10.61
N ALA B 237 -18.29 -15.56 -11.38
CA ALA B 237 -17.26 -15.50 -12.43
C ALA B 237 -17.56 -14.35 -13.41
N GLU B 238 -18.84 -14.14 -13.69
CA GLU B 238 -19.32 -13.04 -14.52
C GLU B 238 -18.93 -11.67 -13.96
N GLU B 239 -18.80 -11.56 -12.66
CA GLU B 239 -18.51 -10.28 -12.07
C GLU B 239 -17.05 -9.94 -12.25
N ILE B 240 -16.19 -10.93 -12.41
CA ILE B 240 -14.83 -10.68 -12.77
C ILE B 240 -14.77 -10.35 -14.26
N ALA B 241 -15.52 -11.13 -15.06
CA ALA B 241 -15.55 -10.90 -16.50
C ALA B 241 -15.99 -9.50 -16.89
N LYS B 242 -16.94 -8.91 -16.17
CA LYS B 242 -17.37 -7.55 -16.51
C LYS B 242 -16.28 -6.51 -16.27
N VAL B 243 -15.49 -6.69 -15.24
CA VAL B 243 -14.38 -5.80 -14.95
C VAL B 243 -13.34 -5.87 -16.06
N VAL B 244 -13.07 -7.10 -16.49
CA VAL B 244 -12.17 -7.35 -17.62
C VAL B 244 -12.69 -6.69 -18.89
N GLY B 245 -13.97 -6.89 -19.19
CA GLY B 245 -14.58 -6.30 -20.37
C GLY B 245 -14.50 -4.76 -20.36
N PHE B 246 -14.69 -4.12 -19.24
CA PHE B 246 -14.42 -2.70 -19.13
C PHE B 246 -12.96 -2.29 -19.31
N LEU B 247 -12.04 -3.00 -18.68
CA LEU B 247 -10.59 -2.70 -18.86
C LEU B 247 -10.14 -2.83 -20.33
N ALA B 248 -10.76 -3.75 -21.08
CA ALA B 248 -10.47 -3.93 -22.48
C ALA B 248 -11.00 -2.81 -23.40
N SER B 249 -11.93 -2.01 -22.90
CA SER B 249 -12.64 -1.05 -23.71
C SER B 249 -11.84 0.26 -23.90
N ASP B 250 -12.32 1.07 -24.83
CA ASP B 250 -11.76 2.38 -25.07
C ASP B 250 -11.92 3.33 -23.89
N GLY B 251 -12.98 3.17 -23.14
CA GLY B 251 -13.20 4.02 -22.01
C GLY B 251 -12.16 3.89 -20.92
N ALA B 252 -11.45 2.77 -20.86
CA ALA B 252 -10.42 2.54 -19.86
C ALA B 252 -9.04 2.92 -20.35
N ALA B 253 -8.99 3.65 -21.45
CA ALA B 253 -7.70 3.97 -22.10
C ALA B 253 -6.70 4.73 -21.18
N TYR B 254 -7.16 5.46 -20.17
CA TYR B 254 -6.23 6.12 -19.23
C TYR B 254 -5.93 5.33 -17.96
N VAL B 255 -6.48 4.12 -17.85
CA VAL B 255 -6.25 3.25 -16.69
C VAL B 255 -5.13 2.33 -17.07
N THR B 256 -3.99 2.48 -16.40
CA THR B 256 -2.88 1.55 -16.62
C THR B 256 -1.99 1.44 -15.38
N GLY B 257 -1.44 0.25 -15.15
CA GLY B 257 -0.65 -0.02 -13.96
C GLY B 257 -1.50 -0.39 -12.78
N ALA B 258 -2.81 -0.52 -12.97
CA ALA B 258 -3.73 -0.70 -11.86
C ALA B 258 -4.00 -2.14 -11.57
N THR B 259 -4.23 -2.42 -10.30
CA THR B 259 -4.81 -3.72 -9.88
C THR B 259 -6.19 -3.46 -9.27
N VAL B 260 -7.26 -3.80 -9.99
CA VAL B 260 -8.62 -3.61 -9.52
C VAL B 260 -9.05 -4.81 -8.68
N PRO B 261 -9.29 -4.60 -7.38
CA PRO B 261 -9.67 -5.74 -6.55
C PRO B 261 -11.15 -5.98 -6.76
N VAL B 262 -11.55 -7.24 -6.91
CA VAL B 262 -12.95 -7.57 -7.12
C VAL B 262 -13.29 -8.62 -6.08
N ASN B 263 -13.62 -8.16 -4.84
CA ASN B 263 -13.60 -9.05 -3.67
C ASN B 263 -14.66 -8.78 -2.63
N GLY B 264 -15.69 -8.06 -3.02
CA GLY B 264 -16.78 -7.80 -2.16
C GLY B 264 -16.40 -7.07 -0.91
N GLY B 265 -15.22 -6.45 -0.87
CA GLY B 265 -14.78 -5.67 0.27
C GLY B 265 -13.94 -6.42 1.26
N MET B 266 -13.62 -7.68 0.97
CA MET B 266 -12.67 -8.45 1.77
C MET B 266 -11.23 -8.26 1.30
N TYR B 267 -10.43 -7.49 2.03
CA TYR B 267 -9.00 -7.29 1.67
C TYR B 267 -8.03 -8.09 2.55
N MET B 268 -7.37 -9.06 1.94
CA MET B 268 -6.38 -9.89 2.62
C MET B 268 -5.03 -9.39 2.18
N SER B 269 -4.23 -9.02 3.18
CA SER B 269 -2.84 -8.59 2.99
C SER B 269 -1.93 -9.58 3.71
N LEU C 18 -43.04 6.17 -25.38
CA LEU C 18 -41.85 6.14 -24.45
C LEU C 18 -40.57 5.68 -25.14
N TYR C 19 -39.46 5.85 -24.42
CA TYR C 19 -38.13 5.63 -24.95
C TYR C 19 -37.27 5.04 -23.84
N PHE C 20 -36.78 3.82 -24.05
CA PHE C 20 -36.02 3.08 -23.07
C PHE C 20 -34.61 2.81 -23.55
N GLN C 21 -33.61 3.35 -22.87
CA GLN C 21 -32.21 3.01 -23.12
C GLN C 21 -31.83 1.59 -22.71
N SER C 22 -31.00 0.97 -23.55
CA SER C 22 -30.46 -0.35 -23.31
C SER C 22 -29.12 -0.25 -22.63
N MET C 23 -28.93 0.89 -22.00
CA MET C 23 -27.68 1.17 -21.35
C MET C 23 -27.79 0.92 -19.90
N SER C 24 -26.63 0.76 -19.31
CA SER C 24 -26.52 0.13 -18.01
C SER C 24 -27.34 0.80 -16.86
N LEU C 25 -27.65 2.11 -16.93
CA LEU C 25 -28.30 2.82 -15.80
C LEU C 25 -29.76 3.29 -15.98
N GLN C 26 -30.41 2.76 -17.00
CA GLN C 26 -31.81 3.06 -17.26
C GLN C 26 -32.65 2.80 -16.05
N GLY C 27 -33.52 3.73 -15.73
CA GLY C 27 -34.38 3.63 -14.54
C GLY C 27 -33.78 4.11 -13.23
N LYS C 28 -32.46 4.30 -13.17
CA LYS C 28 -31.85 4.81 -11.93
C LYS C 28 -31.71 6.31 -11.88
N VAL C 29 -31.74 6.84 -10.65
CA VAL C 29 -31.54 8.25 -10.33
C VAL C 29 -30.17 8.41 -9.67
N ALA C 30 -29.39 9.34 -10.23
CA ALA C 30 -28.04 9.57 -9.86
C ALA C 30 -27.89 11.01 -9.45
N LEU C 31 -27.21 11.21 -8.30
CA LEU C 31 -26.83 12.51 -7.84
C LEU C 31 -25.33 12.67 -8.08
N VAL C 32 -24.92 13.74 -8.79
CA VAL C 32 -23.54 14.09 -8.93
C VAL C 32 -23.27 15.46 -8.35
N THR C 33 -22.48 15.49 -7.28
CA THR C 33 -22.13 16.77 -6.68
C THR C 33 -20.97 17.43 -7.38
N GLY C 34 -20.97 18.78 -7.44
CA GLY C 34 -19.91 19.54 -8.17
C GLY C 34 -19.93 19.25 -9.65
N ALA C 35 -21.09 19.40 -10.28
CA ALA C 35 -21.26 19.00 -11.65
C ALA C 35 -21.21 20.11 -12.72
N SER C 36 -20.85 21.34 -12.35
CA SER C 36 -21.01 22.47 -13.30
C SER C 36 -19.84 22.60 -14.29
N ARG C 37 -18.72 21.91 -14.03
CA ARG C 37 -17.54 21.95 -14.92
C ARG C 37 -16.64 20.74 -14.81
N GLY C 38 -15.75 20.57 -15.79
CA GLY C 38 -14.71 19.56 -15.80
C GLY C 38 -15.16 18.12 -15.51
N ILE C 39 -14.55 17.52 -14.50
CA ILE C 39 -14.78 16.13 -14.19
C ILE C 39 -16.24 15.88 -13.81
N GLY C 40 -16.76 16.69 -12.92
CA GLY C 40 -18.15 16.55 -12.45
C GLY C 40 -19.18 16.65 -13.55
N GLN C 41 -18.98 17.61 -14.46
CA GLN C 41 -19.87 17.77 -15.63
C GLN C 41 -19.77 16.57 -16.54
N ALA C 42 -18.57 16.09 -16.78
CA ALA C 42 -18.41 14.93 -17.66
C ALA C 42 -19.02 13.64 -17.05
N ILE C 43 -18.92 13.50 -15.72
CA ILE C 43 -19.56 12.37 -15.05
C ILE C 43 -21.07 12.45 -15.19
N ALA C 44 -21.60 13.65 -14.99
CA ALA C 44 -23.01 13.87 -15.13
C ALA C 44 -23.51 13.50 -16.53
N LEU C 45 -22.80 13.91 -17.57
CA LEU C 45 -23.20 13.55 -18.98
C LEU C 45 -22.99 12.08 -19.30
N GLU C 46 -21.95 11.47 -18.77
CA GLU C 46 -21.80 10.02 -18.93
C GLU C 46 -22.93 9.24 -18.30
N LEU C 47 -23.33 9.59 -17.07
CA LEU C 47 -24.39 8.85 -16.41
C LEU C 47 -25.68 9.06 -17.18
N GLY C 48 -25.88 10.25 -17.67
CA GLY C 48 -27.06 10.53 -18.49
C GLY C 48 -27.07 9.72 -19.75
N ARG C 49 -25.94 9.70 -20.44
CA ARG C 49 -25.77 8.93 -21.67
C ARG C 49 -26.00 7.44 -21.41
N LEU C 50 -25.67 6.95 -20.20
CA LEU C 50 -25.98 5.58 -19.81
C LEU C 50 -27.42 5.35 -19.36
N GLY C 51 -28.23 6.40 -19.43
CA GLY C 51 -29.69 6.27 -19.24
C GLY C 51 -30.24 6.68 -17.87
N ALA C 52 -29.35 7.13 -16.96
CA ALA C 52 -29.79 7.62 -15.68
C ALA C 52 -30.53 8.94 -15.80
N VAL C 53 -31.46 9.16 -14.88
CA VAL C 53 -31.93 10.50 -14.54
C VAL C 53 -30.89 11.17 -13.62
N VAL C 54 -30.37 12.34 -14.03
CA VAL C 54 -29.25 12.93 -13.36
C VAL C 54 -29.59 14.22 -12.68
N ILE C 55 -29.23 14.29 -11.40
CA ILE C 55 -29.26 15.52 -10.64
C ILE C 55 -27.82 15.94 -10.40
N GLY C 56 -27.46 17.10 -10.94
CA GLY C 56 -26.17 17.69 -10.78
C GLY C 56 -26.27 18.88 -9.85
N THR C 57 -25.29 19.03 -8.96
CA THR C 57 -25.30 20.12 -7.99
C THR C 57 -24.14 21.11 -8.10
N ALA C 58 -24.43 22.33 -7.67
CA ALA C 58 -23.46 23.43 -7.57
C ALA C 58 -23.80 24.18 -6.30
N THR C 59 -22.90 25.07 -5.89
CA THR C 59 -23.05 25.80 -4.62
C THR C 59 -23.77 27.11 -4.80
N SER C 60 -23.91 27.55 -6.04
CA SER C 60 -24.70 28.73 -6.36
C SER C 60 -25.85 28.42 -7.30
N ALA C 61 -26.87 29.28 -7.28
CA ALA C 61 -27.99 29.26 -8.24
C ALA C 61 -27.55 29.34 -9.69
N SER C 62 -26.48 30.08 -9.91
CA SER C 62 -25.89 30.26 -11.24
C SER C 62 -25.33 28.94 -11.79
N GLY C 63 -24.55 28.25 -10.96
CA GLY C 63 -24.05 26.89 -11.24
C GLY C 63 -25.15 25.90 -11.52
N ALA C 64 -26.17 25.89 -10.67
CA ALA C 64 -27.29 24.97 -10.84
C ALA C 64 -28.01 25.17 -12.16
N GLU C 65 -28.18 26.42 -12.56
CA GLU C 65 -28.94 26.77 -13.76
C GLU C 65 -28.14 26.30 -14.95
N LYS C 66 -26.83 26.47 -14.86
CA LYS C 66 -25.91 26.06 -15.92
C LYS C 66 -25.93 24.56 -16.12
N ILE C 67 -25.96 23.83 -15.02
CA ILE C 67 -26.08 22.36 -15.04
C ILE C 67 -27.38 21.97 -15.74
N ALA C 68 -28.48 22.60 -15.34
CA ALA C 68 -29.80 22.32 -15.98
C ALA C 68 -29.71 22.49 -17.47
N GLU C 69 -29.08 23.58 -17.90
CA GLU C 69 -28.95 23.87 -19.36
C GLU C 69 -28.08 22.86 -20.08
N THR C 70 -26.96 22.48 -19.46
CA THR C 70 -26.10 21.49 -20.05
C THR C 70 -26.84 20.13 -20.20
N LEU C 71 -27.59 19.71 -19.19
CA LEU C 71 -28.27 18.45 -19.25
C LEU C 71 -29.29 18.48 -20.41
N LYS C 72 -30.11 19.53 -20.46
CA LYS C 72 -31.14 19.67 -21.54
C LYS C 72 -30.48 19.63 -22.91
N ALA C 73 -29.44 20.43 -23.10
CA ALA C 73 -28.76 20.46 -24.37
C ALA C 73 -28.23 19.10 -24.81
N ASN C 74 -27.98 18.19 -23.85
CA ASN C 74 -27.49 16.84 -24.19
C ASN C 74 -28.54 15.76 -24.12
N GLY C 75 -29.81 16.15 -24.00
CA GLY C 75 -30.88 15.19 -23.95
C GLY C 75 -31.03 14.38 -22.68
N VAL C 76 -30.41 14.84 -21.57
CA VAL C 76 -30.44 14.10 -20.32
C VAL C 76 -31.59 14.62 -19.46
N GLU C 77 -32.40 13.70 -18.96
CA GLU C 77 -33.48 14.03 -18.04
C GLU C 77 -32.84 14.19 -16.64
N GLY C 78 -33.30 15.19 -15.90
CA GLY C 78 -32.82 15.44 -14.58
C GLY C 78 -33.01 16.91 -14.16
N ALA C 79 -32.00 17.45 -13.47
CA ALA C 79 -32.07 18.76 -12.87
C ALA C 79 -30.74 19.26 -12.36
N GLY C 80 -30.60 20.58 -12.31
CA GLY C 80 -29.48 21.21 -11.64
C GLY C 80 -29.99 21.84 -10.36
N LEU C 81 -29.31 21.59 -9.25
CA LEU C 81 -29.71 22.13 -7.96
C LEU C 81 -28.57 22.66 -7.16
N VAL C 82 -28.92 23.43 -6.14
CA VAL C 82 -27.97 24.04 -5.26
C VAL C 82 -27.81 23.12 -4.08
N LEU C 83 -26.54 22.78 -3.76
CA LEU C 83 -26.21 21.95 -2.60
C LEU C 83 -24.87 22.39 -1.99
N ASP C 84 -24.87 22.56 -0.68
CA ASP C 84 -23.67 22.87 0.06
C ASP C 84 -23.41 21.63 0.90
N VAL C 85 -22.39 20.84 0.53
CA VAL C 85 -22.11 19.57 1.22
C VAL C 85 -21.58 19.75 2.64
N SER C 86 -21.22 20.97 3.02
CA SER C 86 -20.74 21.23 4.39
C SER C 86 -21.90 21.46 5.37
N SER C 87 -23.15 21.49 4.90
CA SER C 87 -24.32 21.87 5.75
C SER C 87 -25.35 20.73 5.82
N ASP C 88 -25.60 20.21 7.01
CA ASP C 88 -26.57 19.12 7.23
C ASP C 88 -27.91 19.47 6.68
N GLU C 89 -28.28 20.73 6.87
CA GLU C 89 -29.57 21.21 6.43
C GLU C 89 -29.72 21.17 4.91
N SER C 90 -28.75 21.70 4.20
CA SER C 90 -28.81 21.76 2.74
C SER C 90 -28.86 20.35 2.17
N VAL C 91 -28.08 19.44 2.79
CA VAL C 91 -28.08 18.03 2.38
C VAL C 91 -29.44 17.42 2.55
N ALA C 92 -29.97 17.41 3.77
CA ALA C 92 -31.30 16.82 4.04
C ALA C 92 -32.36 17.42 3.12
N ALA C 93 -32.31 18.74 2.93
CA ALA C 93 -33.33 19.43 2.16
C ALA C 93 -33.26 19.09 0.68
N THR C 94 -32.04 19.07 0.16
CA THR C 94 -31.86 18.70 -1.22
C THR C 94 -32.32 17.25 -1.47
N LEU C 95 -31.95 16.35 -0.56
CA LEU C 95 -32.42 14.96 -0.73
C LEU C 95 -33.93 14.84 -0.78
N GLU C 96 -34.61 15.52 0.12
CA GLU C 96 -36.08 15.49 0.15
C GLU C 96 -36.65 15.98 -1.16
N HIS C 97 -36.13 17.10 -1.67
CA HIS C 97 -36.60 17.60 -2.94
C HIS C 97 -36.44 16.59 -4.05
N ILE C 98 -35.31 15.87 -4.06
CA ILE C 98 -35.05 14.94 -5.13
C ILE C 98 -36.03 13.78 -5.09
N GLN C 99 -36.25 13.24 -3.88
CA GLN C 99 -37.17 12.11 -3.71
C GLN C 99 -38.61 12.51 -4.06
N GLN C 100 -39.05 13.71 -3.70
CA GLN C 100 -40.42 14.12 -3.98
C GLN C 100 -40.65 14.24 -5.50
N HIS C 101 -39.72 14.88 -6.18
CA HIS C 101 -39.86 15.25 -7.59
C HIS C 101 -39.35 14.21 -8.60
N LEU C 102 -38.30 13.44 -8.26
CA LEU C 102 -37.71 12.50 -9.20
C LEU C 102 -37.53 11.07 -8.73
N GLY C 103 -37.45 10.82 -7.43
CA GLY C 103 -37.18 9.49 -6.90
C GLY C 103 -35.91 9.45 -6.06
N GLN C 104 -35.69 8.35 -5.37
CA GLN C 104 -34.54 8.21 -4.53
C GLN C 104 -33.28 8.08 -5.34
N PRO C 105 -32.25 8.87 -5.03
CA PRO C 105 -30.97 8.65 -5.72
C PRO C 105 -30.23 7.42 -5.18
N LEU C 106 -30.04 6.42 -6.03
CA LEU C 106 -29.40 5.22 -5.62
C LEU C 106 -27.96 5.15 -6.09
N ILE C 107 -27.57 6.12 -6.90
CA ILE C 107 -26.21 6.33 -7.36
C ILE C 107 -25.84 7.75 -6.92
N VAL C 108 -24.78 7.86 -6.12
CA VAL C 108 -24.31 9.13 -5.66
C VAL C 108 -22.80 9.23 -5.92
N VAL C 109 -22.39 10.28 -6.63
CA VAL C 109 -21.02 10.58 -6.96
C VAL C 109 -20.60 11.88 -6.27
N ASN C 110 -19.62 11.76 -5.38
CA ASN C 110 -19.15 12.87 -4.61
C ASN C 110 -17.94 13.47 -5.29
N ASN C 111 -18.15 14.62 -5.88
CA ASN C 111 -17.09 15.30 -6.56
C ASN C 111 -16.84 16.70 -6.00
N ALA C 112 -17.71 17.17 -5.09
CA ALA C 112 -17.62 18.44 -4.38
C ALA C 112 -16.99 18.16 -3.03
N ASP C 126 1.00 22.81 4.72
CA ASP C 126 0.64 23.41 6.01
C ASP C 126 -0.91 23.40 6.31
N GLU C 127 -1.66 23.29 5.23
CA GLU C 127 -3.14 23.38 5.22
C GLU C 127 -3.75 22.03 4.89
N TRP C 128 -2.90 21.04 4.64
CA TRP C 128 -3.34 19.74 4.19
C TRP C 128 -4.34 19.10 5.20
N PHE C 129 -4.12 19.28 6.50
CA PHE C 129 -4.97 18.59 7.46
C PHE C 129 -6.41 19.06 7.40
N ASP C 130 -6.61 20.38 7.45
CA ASP C 130 -7.94 21.00 7.39
C ASP C 130 -8.68 20.63 6.13
N VAL C 131 -7.98 20.62 5.02
CA VAL C 131 -8.62 20.30 3.75
C VAL C 131 -9.12 18.88 3.76
N VAL C 132 -8.25 17.96 4.11
CA VAL C 132 -8.60 16.55 4.06
C VAL C 132 -9.66 16.24 5.12
N ASN C 133 -9.45 16.71 6.35
CA ASN C 133 -10.44 16.49 7.37
C ASN C 133 -11.87 17.02 7.04
N THR C 134 -11.94 18.19 6.42
CA THR C 134 -13.18 18.83 6.05
C THR C 134 -13.86 18.06 4.95
N ASN C 135 -13.07 17.64 3.97
CA ASN C 135 -13.60 16.89 2.87
C ASN C 135 -14.12 15.53 3.28
N LEU C 136 -13.42 14.83 4.19
CA LEU C 136 -13.89 13.53 4.61
C LEU C 136 -15.12 13.64 5.49
N ASN C 137 -15.15 14.62 6.38
CA ASN C 137 -16.38 14.94 7.08
C ASN C 137 -17.59 15.22 6.13
N SER C 138 -17.35 15.86 4.99
CA SER C 138 -18.42 16.09 4.02
C SER C 138 -18.82 14.82 3.32
N LEU C 139 -17.86 13.99 2.91
CA LEU C 139 -18.22 12.71 2.32
C LEU C 139 -19.09 11.91 3.31
N TYR C 140 -18.70 11.90 4.58
CA TYR C 140 -19.40 11.09 5.58
C TYR C 140 -20.80 11.61 5.69
N ARG C 141 -20.96 12.93 5.80
CA ARG C 141 -22.30 13.54 5.92
C ARG C 141 -23.21 13.21 4.72
N LEU C 142 -22.73 13.39 3.50
CA LEU C 142 -23.59 13.11 2.36
C LEU C 142 -23.91 11.62 2.31
N SER C 143 -22.89 10.82 2.58
CA SER C 143 -23.03 9.37 2.43
C SER C 143 -24.05 8.82 3.39
N LYS C 144 -23.97 9.19 4.65
CA LYS C 144 -24.95 8.81 5.61
C LYS C 144 -26.41 9.24 5.28
N ALA C 145 -26.61 10.40 4.73
CA ALA C 145 -27.96 10.84 4.41
C ALA C 145 -28.52 10.02 3.24
N VAL C 146 -27.73 9.67 2.26
CA VAL C 146 -28.28 8.88 1.09
C VAL C 146 -28.42 7.37 1.41
N LEU C 147 -27.77 6.91 2.46
CA LEU C 147 -27.78 5.47 2.82
C LEU C 147 -29.14 4.94 3.20
N ARG C 148 -30.01 5.79 3.73
CA ARG C 148 -31.34 5.37 4.13
C ARG C 148 -32.17 4.96 2.91
N GLY C 149 -32.24 5.81 1.90
CA GLY C 149 -32.85 5.41 0.63
C GLY C 149 -32.24 4.12 0.06
N MET C 150 -30.93 3.97 0.16
CA MET C 150 -30.27 2.84 -0.47
C MET C 150 -30.53 1.54 0.33
N THR C 151 -30.54 1.66 1.65
CA THR C 151 -30.91 0.55 2.54
C THR C 151 -32.35 0.07 2.26
N LYS C 152 -33.31 0.98 2.13
CA LYS C 152 -34.69 0.58 1.77
C LYS C 152 -34.73 -0.13 0.42
N ALA C 153 -34.00 0.37 -0.58
CA ALA C 153 -33.98 -0.29 -1.90
C ALA C 153 -33.13 -1.57 -1.93
N ARG C 154 -32.35 -1.83 -0.89
CA ARG C 154 -31.35 -2.90 -0.89
C ARG C 154 -30.39 -2.84 -2.10
N TRP C 155 -29.97 -1.63 -2.47
CA TRP C 155 -29.11 -1.46 -3.62
C TRP C 155 -28.54 -0.05 -3.63
N GLY C 156 -27.29 0.10 -3.98
CA GLY C 156 -26.71 1.43 -4.08
C GLY C 156 -25.30 1.47 -4.62
N ARG C 157 -24.91 2.67 -5.05
CA ARG C 157 -23.58 2.94 -5.50
C ARG C 157 -23.13 4.30 -4.97
N ILE C 158 -22.02 4.30 -4.22
CA ILE C 158 -21.41 5.53 -3.79
C ILE C 158 -20.01 5.58 -4.37
N ILE C 159 -19.71 6.66 -5.05
CA ILE C 159 -18.45 6.80 -5.76
C ILE C 159 -17.83 8.13 -5.42
N ASN C 160 -16.65 8.05 -4.81
CA ASN C 160 -15.93 9.24 -4.37
C ASN C 160 -14.82 9.63 -5.34
N ILE C 161 -14.81 10.87 -5.81
CA ILE C 161 -13.80 11.31 -6.73
C ILE C 161 -12.71 12.02 -5.96
N GLY C 162 -11.46 11.54 -6.10
CA GLY C 162 -10.35 12.16 -5.43
C GLY C 162 -9.95 13.43 -6.17
N SER C 163 -8.93 14.10 -5.66
CA SER C 163 -8.46 15.34 -6.29
C SER C 163 -7.41 15.05 -7.37
N VAL C 164 -7.44 15.89 -8.40
CA VAL C 164 -6.50 15.91 -9.50
C VAL C 164 -5.13 16.34 -9.00
N VAL C 165 -4.05 15.85 -9.62
CA VAL C 165 -2.74 16.33 -9.16
C VAL C 165 -2.60 17.82 -9.45
N ASN C 170 5.98 19.00 -4.16
CA ASN C 170 6.31 19.46 -2.80
C ASN C 170 5.07 19.68 -1.93
N ALA C 171 4.72 20.94 -1.64
CA ALA C 171 3.45 21.28 -0.97
C ALA C 171 2.25 20.62 -1.68
N GLY C 172 2.26 20.65 -3.00
CA GLY C 172 1.23 20.01 -3.82
C GLY C 172 1.25 18.50 -3.78
N GLN C 173 2.44 17.90 -3.74
CA GLN C 173 2.52 16.44 -3.69
C GLN C 173 2.06 15.91 -2.33
N THR C 174 2.37 16.65 -1.27
CA THR C 174 1.99 16.31 0.10
C THR C 174 0.50 16.31 0.28
N ASN C 175 -0.11 17.40 -0.15
CA ASN C 175 -1.55 17.54 -0.17
C ASN C 175 -2.20 16.43 -1.00
N TYR C 176 -1.65 16.18 -2.18
CA TYR C 176 -2.20 15.15 -3.09
C TYR C 176 -2.12 13.74 -2.47
N ALA C 177 -0.97 13.41 -1.89
CA ALA C 177 -0.79 12.08 -1.30
C ALA C 177 -1.68 11.92 -0.07
N ALA C 178 -1.78 12.99 0.74
CA ALA C 178 -2.64 12.97 1.93
C ALA C 178 -4.12 12.73 1.57
N ALA C 179 -4.62 13.49 0.60
CA ALA C 179 -6.01 13.37 0.19
C ALA C 179 -6.24 11.95 -0.30
N LYS C 180 -5.30 11.39 -1.05
CA LYS C 180 -5.47 10.02 -1.62
C LYS C 180 -5.44 8.91 -0.56
N ALA C 181 -4.46 8.98 0.36
CA ALA C 181 -4.42 8.01 1.49
C ALA C 181 -5.72 8.06 2.35
N GLY C 182 -6.18 9.27 2.70
CA GLY C 182 -7.42 9.44 3.46
C GLY C 182 -8.65 8.91 2.73
N LEU C 183 -8.77 9.25 1.45
CA LEU C 183 -9.86 8.81 0.65
C LEU C 183 -9.88 7.25 0.54
N GLU C 184 -8.71 6.63 0.42
CA GLU C 184 -8.64 5.16 0.29
C GLU C 184 -9.06 4.43 1.52
N GLY C 185 -8.55 4.86 2.68
CA GLY C 185 -8.96 4.27 3.98
C GLY C 185 -10.41 4.53 4.35
N PHE C 186 -10.88 5.72 4.04
CA PHE C 186 -12.28 6.07 4.23
C PHE C 186 -13.20 5.19 3.37
N THR C 187 -12.91 5.11 2.08
CA THR C 187 -13.73 4.38 1.14
C THR C 187 -13.82 2.90 1.54
N ARG C 188 -12.70 2.33 1.95
CA ARG C 188 -12.66 0.93 2.35
C ARG C 188 -13.45 0.70 3.64
N ALA C 189 -13.37 1.62 4.61
CA ALA C 189 -14.12 1.47 5.85
C ALA C 189 -15.62 1.64 5.65
N LEU C 190 -16.02 2.60 4.84
CA LEU C 190 -17.43 2.77 4.59
C LEU C 190 -17.97 1.56 3.84
N ALA C 191 -17.19 1.05 2.91
CA ALA C 191 -17.65 -0.15 2.12
C ALA C 191 -17.95 -1.28 3.07
N ARG C 192 -17.12 -1.41 4.09
CA ARG C 192 -17.31 -2.45 5.14
C ARG C 192 -18.57 -2.20 5.97
N GLU C 193 -18.83 -0.96 6.31
CA GLU C 193 -19.95 -0.65 7.11
C GLU C 193 -21.29 -0.97 6.37
N VAL C 194 -21.36 -0.79 5.06
CA VAL C 194 -22.67 -0.89 4.34
C VAL C 194 -22.85 -2.07 3.45
N GLY C 195 -21.83 -2.91 3.40
CA GLY C 195 -21.77 -3.96 2.41
C GLY C 195 -22.95 -4.90 2.50
N SER C 196 -23.37 -5.25 3.71
CA SER C 196 -24.40 -6.31 3.85
C SER C 196 -25.71 -5.90 3.20
N ARG C 197 -25.82 -4.62 2.86
CA ARG C 197 -27.02 -4.08 2.21
C ARG C 197 -26.97 -4.00 0.66
N ALA C 198 -25.98 -4.65 0.08
CA ALA C 198 -25.74 -4.63 -1.37
C ALA C 198 -25.52 -3.19 -1.92
N ILE C 199 -24.89 -2.35 -1.09
CA ILE C 199 -24.44 -1.08 -1.50
C ILE C 199 -22.92 -1.17 -1.67
N THR C 200 -22.42 -0.73 -2.83
CA THR C 200 -20.95 -0.63 -3.04
C THR C 200 -20.48 0.79 -2.85
N VAL C 201 -19.23 0.90 -2.34
CA VAL C 201 -18.58 2.13 -2.10
C VAL C 201 -17.19 2.05 -2.65
N ASN C 202 -16.88 2.96 -3.58
CA ASN C 202 -15.63 2.95 -4.29
C ASN C 202 -15.13 4.36 -4.51
N ALA C 203 -13.87 4.47 -4.89
CA ALA C 203 -13.30 5.74 -5.21
C ALA C 203 -12.56 5.71 -6.55
N VAL C 204 -12.40 6.88 -7.14
CA VAL C 204 -11.62 7.03 -8.40
C VAL C 204 -10.59 8.09 -8.10
N ALA C 205 -9.33 7.75 -8.29
CA ALA C 205 -8.21 8.66 -7.97
C ALA C 205 -7.58 9.14 -9.28
N PRO C 206 -7.95 10.34 -9.74
CA PRO C 206 -7.38 10.83 -11.00
C PRO C 206 -5.91 11.24 -10.84
N GLY C 207 -5.18 11.22 -11.94
CA GLY C 207 -3.81 11.78 -12.01
C GLY C 207 -3.90 13.17 -12.63
N PHE C 208 -3.12 13.41 -13.67
CA PHE C 208 -3.15 14.68 -14.40
C PHE C 208 -4.19 14.69 -15.51
N ILE C 209 -5.19 15.53 -15.34
CA ILE C 209 -6.28 15.63 -16.26
C ILE C 209 -6.22 17.00 -17.05
N ASP C 210 -6.58 16.92 -18.31
CA ASP C 210 -6.59 18.03 -19.27
C ASP C 210 -7.70 19.06 -19.00
N THR C 211 -7.23 20.25 -18.62
CA THR C 211 -8.09 21.40 -18.38
C THR C 211 -7.39 22.67 -18.90
N ASP C 212 -8.05 23.81 -18.70
CA ASP C 212 -7.49 25.13 -19.07
C ASP C 212 -6.22 25.46 -18.30
N MET C 213 -6.19 25.12 -17.01
CA MET C 213 -5.02 25.35 -16.19
C MET C 213 -3.85 24.58 -16.80
N THR C 214 -4.05 23.31 -17.15
CA THR C 214 -2.96 22.48 -17.70
C THR C 214 -2.60 22.87 -19.16
N ARG C 215 -3.58 23.19 -20.01
CA ARG C 215 -3.27 23.56 -21.39
C ARG C 215 -2.45 24.84 -21.54
N GLU C 216 -2.54 25.74 -20.54
CA GLU C 216 -1.84 27.03 -20.59
C GLU C 216 -0.51 26.99 -19.86
N LEU C 217 -0.06 25.81 -19.43
CA LEU C 217 1.29 25.69 -18.87
C LEU C 217 2.36 25.90 -19.98
N PRO C 218 3.46 26.61 -19.66
CA PRO C 218 4.52 26.87 -20.65
C PRO C 218 5.09 25.56 -21.18
N GLU C 219 5.57 25.59 -22.41
CA GLU C 219 6.07 24.41 -23.10
C GLU C 219 7.09 23.56 -22.35
N ALA C 220 8.03 24.16 -21.63
CA ALA C 220 9.03 23.38 -20.89
C ALA C 220 8.39 22.59 -19.73
N GLN C 221 7.46 23.24 -19.04
CA GLN C 221 6.83 22.67 -17.86
C GLN C 221 5.86 21.53 -18.22
N ARG C 222 5.05 21.72 -19.25
CA ARG C 222 4.17 20.69 -19.78
C ARG C 222 4.95 19.47 -20.29
N GLU C 223 6.09 19.67 -20.95
CA GLU C 223 6.88 18.54 -21.41
C GLU C 223 7.52 17.77 -20.24
N ALA C 224 7.95 18.48 -19.21
CA ALA C 224 8.51 17.81 -18.03
C ALA C 224 7.43 16.97 -17.30
N LEU C 225 6.21 17.50 -17.29
CA LEU C 225 5.07 16.83 -16.69
C LEU C 225 4.74 15.53 -17.41
N LEU C 226 4.61 15.63 -18.72
CA LEU C 226 4.28 14.46 -19.54
C LEU C 226 5.34 13.39 -19.42
N GLY C 227 6.58 13.78 -19.13
CA GLY C 227 7.66 12.83 -18.96
C GLY C 227 7.48 11.91 -17.76
N GLN C 228 6.62 12.28 -16.83
CA GLN C 228 6.33 11.43 -15.70
C GLN C 228 5.11 10.49 -15.92
N ILE C 229 4.44 10.62 -17.06
CA ILE C 229 3.25 9.83 -17.35
C ILE C 229 3.57 8.85 -18.43
N PRO C 230 3.55 7.54 -18.09
CA PRO C 230 3.90 6.55 -19.08
C PRO C 230 3.11 6.69 -20.38
N LEU C 231 1.82 7.02 -20.34
CA LEU C 231 1.03 7.11 -21.59
C LEU C 231 1.40 8.40 -22.35
N GLY C 232 2.18 9.29 -21.75
CA GLY C 232 2.74 10.43 -22.47
C GLY C 232 1.72 11.51 -22.82
N ARG C 233 0.59 11.53 -22.14
CA ARG C 233 -0.47 12.47 -22.39
C ARG C 233 -1.28 12.68 -21.14
N LEU C 234 -2.03 13.79 -21.10
CA LEU C 234 -2.95 14.09 -20.02
C LEU C 234 -4.19 13.29 -20.24
N GLY C 235 -4.93 13.01 -19.17
CA GLY C 235 -6.22 12.35 -19.29
C GLY C 235 -7.32 13.31 -19.65
N GLN C 236 -8.33 12.83 -20.33
CA GLN C 236 -9.55 13.61 -20.53
C GLN C 236 -10.52 13.41 -19.35
N ALA C 237 -11.33 14.42 -19.06
CA ALA C 237 -12.38 14.35 -18.07
C ALA C 237 -13.29 13.17 -18.34
N GLU C 238 -13.56 12.92 -19.63
CA GLU C 238 -14.37 11.81 -20.09
C GLU C 238 -13.78 10.46 -19.66
N GLU C 239 -12.47 10.39 -19.51
CA GLU C 239 -11.81 9.14 -19.16
C GLU C 239 -12.01 8.82 -17.70
N ILE C 240 -12.23 9.83 -16.89
CA ILE C 240 -12.63 9.59 -15.50
C ILE C 240 -14.09 9.18 -15.50
N ALA C 241 -14.89 9.88 -16.30
CA ALA C 241 -16.33 9.64 -16.29
C ALA C 241 -16.68 8.22 -16.72
N LYS C 242 -15.97 7.64 -17.65
CA LYS C 242 -16.21 6.26 -18.07
C LYS C 242 -15.95 5.24 -16.99
N VAL C 243 -14.93 5.47 -16.16
CA VAL C 243 -14.67 4.60 -15.03
C VAL C 243 -15.79 4.67 -13.98
N VAL C 244 -16.24 5.89 -13.69
CA VAL C 244 -17.40 6.13 -12.84
C VAL C 244 -18.64 5.46 -13.38
N GLY C 245 -18.89 5.61 -14.66
CA GLY C 245 -20.04 4.98 -15.28
C GLY C 245 -20.00 3.45 -15.11
N PHE C 246 -18.85 2.86 -15.27
CA PHE C 246 -18.76 1.43 -15.03
C PHE C 246 -19.02 1.04 -13.55
N LEU C 247 -18.42 1.80 -12.63
CA LEU C 247 -18.54 1.44 -11.22
C LEU C 247 -20.00 1.52 -10.76
N ALA C 248 -20.75 2.39 -11.38
CA ALA C 248 -22.18 2.54 -11.14
C ALA C 248 -23.07 1.39 -11.69
N SER C 249 -22.54 0.58 -12.59
CA SER C 249 -23.33 -0.42 -13.30
C SER C 249 -23.48 -1.70 -12.48
N ASP C 250 -24.39 -2.55 -12.92
CA ASP C 250 -24.60 -3.88 -12.32
C ASP C 250 -23.39 -4.78 -12.45
N GLY C 251 -22.63 -4.61 -13.51
CA GLY C 251 -21.44 -5.41 -13.69
C GLY C 251 -20.36 -5.24 -12.63
N ALA C 252 -20.35 -4.10 -11.92
CA ALA C 252 -19.37 -3.78 -10.88
C ALA C 252 -19.90 -4.09 -9.49
N ALA C 253 -20.92 -4.94 -9.44
CA ALA C 253 -21.56 -5.27 -8.17
C ALA C 253 -20.65 -5.91 -7.13
N TYR C 254 -19.57 -6.56 -7.55
CA TYR C 254 -18.69 -7.19 -6.55
C TYR C 254 -17.44 -6.37 -6.29
N VAL C 255 -17.37 -5.19 -6.88
CA VAL C 255 -16.26 -4.26 -6.64
C VAL C 255 -16.73 -3.32 -5.53
N THR C 256 -16.07 -3.40 -4.36
CA THR C 256 -16.36 -2.47 -3.31
C THR C 256 -15.15 -2.30 -2.38
N GLY C 257 -15.00 -1.10 -1.82
CA GLY C 257 -13.80 -0.76 -1.06
C GLY C 257 -12.63 -0.31 -1.88
N ALA C 258 -12.80 -0.25 -3.22
CA ALA C 258 -11.67 -0.06 -4.11
C ALA C 258 -11.44 1.43 -4.41
N THR C 259 -10.19 1.75 -4.67
CA THR C 259 -9.81 3.01 -5.28
C THR C 259 -9.15 2.76 -6.62
N VAL C 260 -9.84 3.05 -7.71
CA VAL C 260 -9.32 2.79 -9.04
C VAL C 260 -8.52 3.99 -9.48
N PRO C 261 -7.20 3.81 -9.63
CA PRO C 261 -6.43 4.96 -10.08
C PRO C 261 -6.63 5.13 -11.58
N VAL C 262 -6.78 6.37 -12.04
CA VAL C 262 -6.94 6.69 -13.44
C VAL C 262 -5.93 7.79 -13.76
N ASN C 263 -4.70 7.38 -14.04
CA ASN C 263 -3.58 8.32 -14.05
C ASN C 263 -2.54 8.05 -15.11
N GLY C 264 -2.88 7.24 -16.11
CA GLY C 264 -1.98 7.01 -17.21
C GLY C 264 -0.71 6.34 -16.77
N GLY C 265 -0.72 5.73 -15.59
CA GLY C 265 0.46 5.00 -15.10
C GLY C 265 1.42 5.83 -14.27
N MET C 266 1.10 7.08 -14.03
CA MET C 266 1.89 7.92 -13.09
C MET C 266 1.39 7.72 -11.64
N TYR C 267 2.13 6.97 -10.83
CA TYR C 267 1.78 6.77 -9.39
C TYR C 267 2.65 7.58 -8.40
N MET C 268 2.00 8.52 -7.73
CA MET C 268 2.59 9.31 -6.67
C MET C 268 1.93 8.93 -5.34
N SER C 269 2.76 8.70 -4.34
CA SER C 269 2.29 8.68 -2.96
C SER C 269 3.49 9.08 -2.09
N LEU D 18 26.65 20.56 34.19
CA LEU D 18 27.49 20.63 32.95
C LEU D 18 27.81 19.23 32.37
N TYR D 19 26.78 18.63 31.80
CA TYR D 19 26.80 17.31 31.23
C TYR D 19 26.40 17.50 29.77
N PHE D 20 27.29 17.15 28.84
CA PHE D 20 27.05 17.30 27.40
C PHE D 20 27.00 15.92 26.75
N GLN D 21 25.80 15.53 26.31
CA GLN D 21 25.54 14.20 25.82
C GLN D 21 26.00 14.00 24.37
N SER D 22 26.34 12.75 24.09
CA SER D 22 26.58 12.29 22.73
C SER D 22 25.72 11.04 22.39
N MET D 23 24.99 11.14 21.28
CA MET D 23 24.22 10.05 20.66
C MET D 23 23.18 9.37 21.59
N SER D 24 22.68 10.09 22.56
CA SER D 24 21.78 9.54 23.55
C SER D 24 20.50 10.37 23.70
N LEU D 25 19.58 9.92 24.55
CA LEU D 25 18.40 10.73 24.89
C LEU D 25 18.63 11.53 26.16
N GLN D 26 19.81 11.39 26.78
CA GLN D 26 20.10 12.04 28.05
C GLN D 26 19.86 13.52 27.91
N GLY D 27 19.14 14.10 28.86
CA GLY D 27 18.81 15.53 28.76
C GLY D 27 17.64 15.91 27.87
N LYS D 28 17.10 14.99 27.09
CA LYS D 28 15.94 15.34 26.27
C LYS D 28 14.71 15.12 27.09
N VAL D 29 13.73 15.96 26.81
CA VAL D 29 12.47 15.92 27.48
C VAL D 29 11.48 15.28 26.53
N ALA D 30 10.83 14.23 27.02
CA ALA D 30 9.89 13.45 26.26
C ALA D 30 8.51 13.55 26.94
N LEU D 31 7.50 13.78 26.12
CA LEU D 31 6.09 13.76 26.52
C LEU D 31 5.40 12.54 25.96
N VAL D 32 4.84 11.71 26.83
CA VAL D 32 4.18 10.47 26.42
C VAL D 32 2.75 10.54 26.89
N THR D 33 1.82 10.64 25.95
CA THR D 33 0.41 10.73 26.31
C THR D 33 -0.15 9.32 26.53
N GLY D 34 -1.09 9.19 27.47
CA GLY D 34 -1.70 7.91 27.79
C GLY D 34 -0.70 6.96 28.40
N ALA D 35 0.01 7.42 29.44
CA ALA D 35 1.13 6.65 29.96
C ALA D 35 0.86 5.83 31.23
N SER D 36 -0.39 5.71 31.65
CA SER D 36 -0.65 5.12 32.97
C SER D 36 -0.69 3.58 32.99
N ARG D 37 -0.81 2.97 31.82
CA ARG D 37 -0.86 1.51 31.75
C ARG D 37 -0.39 1.02 30.39
N GLY D 38 -0.16 -0.29 30.31
CA GLY D 38 0.12 -0.96 29.07
C GLY D 38 1.21 -0.34 28.21
N ILE D 39 0.86 -0.09 26.94
CA ILE D 39 1.83 0.31 25.96
C ILE D 39 2.46 1.65 26.36
N GLY D 40 1.63 2.59 26.74
CA GLY D 40 2.08 3.93 27.11
C GLY D 40 3.06 3.90 28.27
N GLN D 41 2.77 3.08 29.27
CA GLN D 41 3.60 3.01 30.47
C GLN D 41 4.92 2.41 30.10
N ALA D 42 4.89 1.37 29.26
CA ALA D 42 6.14 0.74 28.85
C ALA D 42 7.00 1.66 27.99
N ILE D 43 6.36 2.47 27.17
CA ILE D 43 7.10 3.50 26.42
C ILE D 43 7.75 4.51 27.35
N ALA D 44 6.99 4.96 28.33
CA ALA D 44 7.46 5.96 29.27
C ALA D 44 8.70 5.44 30.01
N LEU D 45 8.70 4.18 30.42
CA LEU D 45 9.87 3.59 31.11
C LEU D 45 11.04 3.33 30.18
N GLU D 46 10.77 2.96 28.94
CA GLU D 46 11.85 2.78 27.99
C GLU D 46 12.57 4.10 27.69
N LEU D 47 11.82 5.18 27.48
CA LEU D 47 12.46 6.46 27.25
C LEU D 47 13.22 6.93 28.49
N GLY D 48 12.69 6.65 29.66
CA GLY D 48 13.40 6.98 30.90
C GLY D 48 14.71 6.21 31.02
N ARG D 49 14.64 4.91 30.76
CA ARG D 49 15.80 4.05 30.81
C ARG D 49 16.88 4.52 29.82
N LEU D 50 16.47 5.04 28.67
CA LEU D 50 17.41 5.63 27.71
C LEU D 50 17.93 7.02 28.10
N GLY D 51 17.46 7.55 29.24
CA GLY D 51 17.99 8.78 29.84
C GLY D 51 17.14 10.04 29.67
N ALA D 52 16.03 9.94 28.95
CA ALA D 52 15.09 11.08 28.86
C ALA D 52 14.46 11.46 30.20
N VAL D 53 14.17 12.77 30.37
CA VAL D 53 13.25 13.24 31.39
C VAL D 53 11.84 13.02 30.83
N VAL D 54 11.00 12.29 31.54
CA VAL D 54 9.75 11.85 30.99
C VAL D 54 8.57 12.48 31.65
N ILE D 55 7.69 13.05 30.83
CA ILE D 55 6.40 13.55 31.29
C ILE D 55 5.33 12.66 30.68
N GLY D 56 4.63 11.94 31.54
CA GLY D 56 3.59 11.00 31.13
C GLY D 56 2.28 11.65 31.48
N THR D 57 1.30 11.50 30.61
CA THR D 57 -0.01 12.05 30.86
C THR D 57 -1.10 11.01 30.97
N ALA D 58 -2.17 11.41 31.66
CA ALA D 58 -3.41 10.68 31.77
C ALA D 58 -4.51 11.73 31.74
N THR D 59 -5.74 11.28 31.63
CA THR D 59 -6.92 12.17 31.56
C THR D 59 -7.51 12.45 32.92
N SER D 60 -7.12 11.67 33.94
CA SER D 60 -7.51 11.93 35.32
C SER D 60 -6.35 12.18 36.25
N ALA D 61 -6.61 12.84 37.38
CA ALA D 61 -5.64 13.02 38.47
C ALA D 61 -5.13 11.73 39.03
N SER D 62 -6.01 10.74 39.08
CA SER D 62 -5.65 9.40 39.52
C SER D 62 -4.57 8.78 38.61
N GLY D 63 -4.79 8.87 37.30
CA GLY D 63 -3.82 8.39 36.32
C GLY D 63 -2.48 9.11 36.44
N ALA D 64 -2.51 10.44 36.51
CA ALA D 64 -1.32 11.24 36.63
C ALA D 64 -0.48 10.87 37.84
N GLU D 65 -1.13 10.57 38.96
CA GLU D 65 -0.46 10.31 40.22
C GLU D 65 0.21 8.96 40.09
N LYS D 66 -0.46 8.02 39.44
CA LYS D 66 0.04 6.69 39.26
C LYS D 66 1.28 6.69 38.35
N ILE D 67 1.24 7.53 37.31
CA ILE D 67 2.41 7.74 36.46
C ILE D 67 3.59 8.28 37.25
N ALA D 68 3.33 9.33 38.05
CA ALA D 68 4.41 9.92 38.87
C ALA D 68 5.07 8.84 39.72
N GLU D 69 4.25 8.01 40.37
CA GLU D 69 4.76 6.96 41.24
C GLU D 69 5.54 5.89 40.49
N THR D 70 5.04 5.48 39.32
CA THR D 70 5.73 4.50 38.49
C THR D 70 7.10 5.03 38.03
N LEU D 71 7.19 6.29 37.64
CA LEU D 71 8.44 6.85 37.20
C LEU D 71 9.47 6.88 38.37
N LYS D 72 9.05 7.43 39.51
CA LYS D 72 9.84 7.48 40.72
C LYS D 72 10.37 6.08 41.10
N ALA D 73 9.47 5.09 41.18
CA ALA D 73 9.87 3.74 41.54
C ALA D 73 10.91 3.14 40.59
N ASN D 74 10.94 3.59 39.34
CA ASN D 74 11.91 3.08 38.37
C ASN D 74 13.13 3.98 38.18
N GLY D 75 13.27 5.01 39.00
CA GLY D 75 14.42 5.91 38.91
C GLY D 75 14.41 6.85 37.70
N VAL D 76 13.21 7.12 37.14
CA VAL D 76 13.10 8.04 36.03
C VAL D 76 12.71 9.42 36.52
N GLU D 77 13.43 10.43 36.07
CA GLU D 77 13.04 11.80 36.36
C GLU D 77 11.95 12.25 35.41
N GLY D 78 11.02 13.04 35.95
CA GLY D 78 9.97 13.59 35.17
C GLY D 78 8.75 13.89 36.02
N ALA D 79 7.58 13.56 35.48
CA ALA D 79 6.32 13.94 36.10
C ALA D 79 5.15 13.23 35.45
N GLY D 80 4.08 13.08 36.22
CA GLY D 80 2.77 12.66 35.70
C GLY D 80 1.87 13.85 35.67
N LEU D 81 1.20 14.10 34.55
CA LEU D 81 0.26 15.21 34.48
C LEU D 81 -1.04 14.85 33.82
N VAL D 82 -2.02 15.73 33.98
CA VAL D 82 -3.35 15.57 33.42
C VAL D 82 -3.44 16.33 32.12
N LEU D 83 -3.80 15.62 31.06
CA LEU D 83 -3.89 16.23 29.73
C LEU D 83 -5.05 15.61 29.02
N ASP D 84 -5.88 16.47 28.44
CA ASP D 84 -6.97 16.05 27.58
C ASP D 84 -6.57 16.52 26.18
N VAL D 85 -6.19 15.58 25.33
CA VAL D 85 -5.74 15.87 23.99
C VAL D 85 -6.85 16.41 23.07
N SER D 86 -8.12 16.25 23.44
CA SER D 86 -9.23 16.83 22.67
C SER D 86 -9.48 18.33 22.89
N SER D 87 -8.71 18.97 23.79
CA SER D 87 -8.96 20.35 24.22
C SER D 87 -7.75 21.24 23.98
N ASP D 88 -7.92 22.29 23.16
CA ASP D 88 -6.87 23.25 22.90
C ASP D 88 -6.34 23.84 24.19
N GLU D 89 -7.24 24.11 25.13
CA GLU D 89 -6.86 24.77 26.40
C GLU D 89 -5.96 23.87 27.24
N SER D 90 -6.35 22.61 27.39
CA SER D 90 -5.57 21.67 28.17
C SER D 90 -4.16 21.45 27.54
N VAL D 91 -4.11 21.37 26.22
CA VAL D 91 -2.86 21.24 25.51
C VAL D 91 -1.97 22.44 25.78
N ALA D 92 -2.45 23.64 25.43
CA ALA D 92 -1.66 24.85 25.61
C ALA D 92 -1.16 24.93 27.07
N ALA D 93 -2.06 24.65 28.01
CA ALA D 93 -1.73 24.81 29.44
C ALA D 93 -0.70 23.81 29.89
N THR D 94 -0.86 22.58 29.44
CA THR D 94 0.11 21.56 29.77
C THR D 94 1.50 21.89 29.20
N LEU D 95 1.56 22.30 27.94
CA LEU D 95 2.84 22.63 27.36
C LEU D 95 3.52 23.77 28.10
N GLU D 96 2.75 24.80 28.46
CA GLU D 96 3.28 25.92 29.26
C GLU D 96 3.91 25.45 30.58
N HIS D 97 3.18 24.61 31.30
CA HIS D 97 3.70 24.05 32.52
C HIS D 97 5.02 23.29 32.32
N ILE D 98 5.11 22.52 31.23
CA ILE D 98 6.30 21.71 30.98
C ILE D 98 7.48 22.61 30.64
N GLN D 99 7.22 23.65 29.84
CA GLN D 99 8.21 24.65 29.50
C GLN D 99 8.75 25.40 30.70
N GLN D 100 7.88 25.85 31.58
CA GLN D 100 8.31 26.62 32.75
C GLN D 100 9.19 25.79 33.67
N HIS D 101 8.78 24.56 33.92
CA HIS D 101 9.42 23.69 34.91
C HIS D 101 10.55 22.79 34.40
N LEU D 102 10.47 22.35 33.15
CA LEU D 102 11.44 21.39 32.62
C LEU D 102 12.08 21.73 31.28
N GLY D 103 11.44 22.53 30.43
CA GLY D 103 11.96 22.83 29.10
C GLY D 103 11.05 22.27 28.01
N GLN D 104 11.41 22.48 26.75
CA GLN D 104 10.59 22.08 25.61
C GLN D 104 10.67 20.57 25.39
N PRO D 105 9.52 19.93 25.24
CA PRO D 105 9.56 18.50 24.93
C PRO D 105 9.91 18.34 23.46
N LEU D 106 11.01 17.65 23.20
CA LEU D 106 11.51 17.49 21.85
C LEU D 106 11.21 16.09 21.32
N ILE D 107 10.75 15.22 22.21
CA ILE D 107 10.26 13.92 21.87
C ILE D 107 8.79 13.90 22.35
N VAL D 108 7.85 13.64 21.43
CA VAL D 108 6.46 13.51 21.80
C VAL D 108 5.92 12.19 21.24
N VAL D 109 5.34 11.36 22.11
CA VAL D 109 4.74 10.11 21.73
C VAL D 109 3.22 10.20 22.02
N ASN D 110 2.44 10.07 20.98
CA ASN D 110 0.99 10.13 21.06
C ASN D 110 0.45 8.73 21.23
N ASN D 111 -0.01 8.42 22.42
CA ASN D 111 -0.60 7.15 22.68
C ASN D 111 -2.04 7.24 23.22
N ALA D 112 -2.50 8.45 23.55
CA ALA D 112 -3.81 8.64 24.17
C ALA D 112 -5.09 8.35 23.32
N MET D 123 -19.09 -3.82 20.34
CA MET D 123 -18.68 -2.94 19.26
C MET D 123 -19.24 -3.34 17.87
N LYS D 124 -19.23 -2.35 16.97
CA LYS D 124 -19.83 -2.45 15.62
C LYS D 124 -19.10 -1.73 14.46
N ASP D 125 -19.48 -2.09 13.23
CA ASP D 125 -18.87 -1.55 12.01
C ASP D 125 -19.04 -0.05 11.86
N ASP D 126 -20.08 0.51 12.47
CA ASP D 126 -20.46 1.85 12.17
C ASP D 126 -19.90 2.89 13.15
N GLU D 127 -18.84 2.58 13.90
CA GLU D 127 -18.23 3.56 14.86
C GLU D 127 -16.88 4.04 14.44
N TRP D 128 -16.44 3.55 13.30
CA TRP D 128 -15.11 3.77 12.87
C TRP D 128 -14.85 5.27 12.60
N PHE D 129 -15.85 5.97 12.07
CA PHE D 129 -15.57 7.35 11.58
C PHE D 129 -15.27 8.30 12.75
N ASP D 130 -16.09 8.25 13.76
CA ASP D 130 -15.93 9.08 14.92
C ASP D 130 -14.62 8.79 15.66
N VAL D 131 -14.26 7.51 15.79
CA VAL D 131 -13.04 7.16 16.48
C VAL D 131 -11.82 7.72 15.74
N VAL D 132 -11.76 7.45 14.45
CA VAL D 132 -10.62 7.89 13.68
C VAL D 132 -10.56 9.42 13.54
N ASN D 133 -11.66 10.04 13.20
CA ASN D 133 -11.72 11.49 13.11
C ASN D 133 -11.30 12.22 14.41
N THR D 134 -11.75 11.71 15.54
CA THR D 134 -11.44 12.30 16.83
C THR D 134 -9.95 12.13 17.14
N ASN D 135 -9.43 10.95 16.89
CA ASN D 135 -8.03 10.67 17.16
C ASN D 135 -7.08 11.45 16.28
N LEU D 136 -7.39 11.59 15.00
CA LEU D 136 -6.48 12.34 14.14
C LEU D 136 -6.52 13.82 14.47
N ASN D 137 -7.70 14.35 14.71
CA ASN D 137 -7.78 15.74 15.12
C ASN D 137 -6.96 15.99 16.36
N SER D 138 -6.91 15.01 17.25
CA SER D 138 -6.12 15.17 18.43
C SER D 138 -4.60 15.05 18.17
N LEU D 139 -4.18 14.12 17.30
CA LEU D 139 -2.80 14.09 16.92
C LEU D 139 -2.38 15.41 16.32
N TYR D 140 -3.25 16.01 15.50
CA TYR D 140 -2.92 17.24 14.83
C TYR D 140 -2.72 18.34 15.85
N ARG D 141 -3.69 18.48 16.73
CA ARG D 141 -3.68 19.55 17.72
C ARG D 141 -2.44 19.46 18.61
N LEU D 142 -2.08 18.25 19.04
CA LEU D 142 -0.93 18.15 19.91
C LEU D 142 0.36 18.38 19.15
N SER D 143 0.42 17.84 17.94
CA SER D 143 1.57 17.96 17.11
C SER D 143 1.89 19.41 16.76
N LYS D 144 0.92 20.16 16.28
CA LYS D 144 1.13 21.61 16.02
C LYS D 144 1.62 22.41 17.24
N ALA D 145 1.10 22.14 18.42
CA ALA D 145 1.52 22.91 19.58
C ALA D 145 2.97 22.60 19.96
N VAL D 146 3.43 21.36 19.82
CA VAL D 146 4.83 21.02 20.18
C VAL D 146 5.84 21.43 19.12
N LEU D 147 5.38 21.68 17.91
CA LEU D 147 6.27 21.97 16.78
C LEU D 147 7.06 23.23 16.96
N ARG D 148 6.49 24.19 17.68
CA ARG D 148 7.18 25.48 17.85
C ARG D 148 8.47 25.27 18.62
N GLY D 149 8.40 24.56 19.76
CA GLY D 149 9.62 24.23 20.51
C GLY D 149 10.62 23.46 19.65
N MET D 150 10.12 22.53 18.83
CA MET D 150 11.01 21.69 18.03
C MET D 150 11.65 22.49 16.90
N THR D 151 10.88 23.39 16.30
CA THR D 151 11.39 24.29 15.28
C THR D 151 12.52 25.18 15.83
N LYS D 152 12.33 25.76 17.00
CA LYS D 152 13.40 26.57 17.62
C LYS D 152 14.64 25.75 17.92
N ALA D 153 14.47 24.52 18.40
CA ALA D 153 15.64 23.65 18.65
C ALA D 153 16.25 23.03 17.37
N ARG D 154 15.55 23.12 16.24
CA ARG D 154 15.94 22.42 15.01
C ARG D 154 16.14 20.93 15.21
N TRP D 155 15.27 20.32 15.99
CA TRP D 155 15.39 18.90 16.29
C TRP D 155 14.08 18.41 16.93
N GLY D 156 13.60 17.25 16.52
CA GLY D 156 12.40 16.70 17.09
C GLY D 156 12.06 15.29 16.69
N ARG D 157 11.27 14.64 17.52
CA ARG D 157 10.74 13.31 17.27
C ARG D 157 9.26 13.24 17.66
N ILE D 158 8.39 12.94 16.68
CA ILE D 158 7.00 12.75 16.93
C ILE D 158 6.70 11.31 16.52
N ILE D 159 6.14 10.57 17.44
CA ILE D 159 5.87 9.17 17.25
C ILE D 159 4.42 8.88 17.63
N ASN D 160 3.65 8.45 16.66
CA ASN D 160 2.25 8.13 16.84
C ASN D 160 2.05 6.63 17.03
N ILE D 161 1.35 6.24 18.09
CA ILE D 161 1.09 4.83 18.32
C ILE D 161 -0.31 4.49 17.84
N GLY D 162 -0.44 3.50 16.96
CA GLY D 162 -1.75 3.08 16.51
C GLY D 162 -2.45 2.26 17.59
N SER D 163 -3.68 1.86 17.34
CA SER D 163 -4.42 1.07 18.30
C SER D 163 -4.24 -0.41 18.09
N VAL D 164 -4.26 -1.14 19.20
CA VAL D 164 -4.13 -2.59 19.16
C VAL D 164 -5.43 -3.20 18.68
N VAL D 165 -5.36 -4.43 18.23
CA VAL D 165 -6.60 -5.01 17.74
C VAL D 165 -7.63 -5.04 18.89
N GLY D 166 -8.83 -4.49 18.66
CA GLY D 166 -9.74 -3.97 19.72
C GLY D 166 -10.87 -4.86 20.21
N ALA D 167 -11.58 -5.50 19.28
CA ALA D 167 -12.45 -6.65 19.51
C ALA D 167 -11.99 -7.72 18.51
N MET D 168 -12.86 -8.69 18.16
CA MET D 168 -12.44 -9.95 17.48
C MET D 168 -13.04 -10.26 16.10
N GLY D 169 -14.22 -9.76 15.81
CA GLY D 169 -14.89 -10.17 14.58
C GLY D 169 -14.63 -9.14 13.51
N ASN D 170 -15.69 -8.84 12.76
CA ASN D 170 -15.67 -7.84 11.69
C ASN D 170 -15.58 -6.40 12.17
N ALA D 171 -16.43 -6.06 13.14
CA ALA D 171 -16.49 -4.71 13.70
C ALA D 171 -15.12 -4.23 14.20
N GLY D 172 -14.39 -5.13 14.89
CA GLY D 172 -13.06 -4.85 15.38
C GLY D 172 -12.02 -4.74 14.28
N GLN D 173 -12.13 -5.57 13.25
CA GLN D 173 -11.19 -5.56 12.14
C GLN D 173 -11.33 -4.30 11.29
N THR D 174 -12.59 -3.87 11.09
CA THR D 174 -12.90 -2.67 10.33
C THR D 174 -12.32 -1.44 11.00
N ASN D 175 -12.62 -1.35 12.28
CA ASN D 175 -12.17 -0.23 13.11
C ASN D 175 -10.66 -0.17 13.19
N TYR D 176 -10.06 -1.33 13.35
CA TYR D 176 -8.61 -1.42 13.42
C TYR D 176 -7.97 -0.99 12.10
N ALA D 177 -8.51 -1.50 10.97
CA ALA D 177 -7.90 -1.22 9.66
C ALA D 177 -8.07 0.26 9.35
N ALA D 178 -9.25 0.81 9.66
CA ALA D 178 -9.51 2.25 9.44
C ALA D 178 -8.55 3.14 10.24
N ALA D 179 -8.39 2.85 11.53
CA ALA D 179 -7.48 3.66 12.37
C ALA D 179 -6.06 3.59 11.84
N LYS D 180 -5.63 2.42 11.39
CA LYS D 180 -4.29 2.25 10.80
C LYS D 180 -4.09 3.00 9.46
N ALA D 181 -5.04 2.87 8.54
CA ALA D 181 -4.92 3.59 7.25
C ALA D 181 -4.87 5.14 7.46
N GLY D 182 -5.75 5.63 8.33
CA GLY D 182 -5.73 7.08 8.66
C GLY D 182 -4.40 7.53 9.28
N LEU D 183 -3.92 6.73 10.21
CA LEU D 183 -2.66 7.02 10.88
C LEU D 183 -1.46 7.02 9.91
N GLU D 184 -1.44 6.11 8.94
CA GLU D 184 -0.35 6.04 8.00
C GLU D 184 -0.30 7.27 7.11
N GLY D 185 -1.42 7.63 6.51
CA GLY D 185 -1.47 8.82 5.64
C GLY D 185 -1.21 10.13 6.41
N PHE D 186 -1.71 10.20 7.62
CA PHE D 186 -1.51 11.38 8.47
C PHE D 186 -0.01 11.55 8.83
N THR D 187 0.60 10.45 9.25
CA THR D 187 2.01 10.43 9.62
C THR D 187 2.90 10.84 8.46
N ARG D 188 2.61 10.34 7.26
CA ARG D 188 3.41 10.63 6.12
C ARG D 188 3.27 12.11 5.71
N ALA D 189 2.05 12.66 5.73
CA ALA D 189 1.85 14.05 5.39
C ALA D 189 2.47 14.98 6.40
N LEU D 190 2.33 14.70 7.68
CA LEU D 190 2.95 15.59 8.66
C LEU D 190 4.47 15.53 8.55
N ALA D 191 5.01 14.36 8.31
CA ALA D 191 6.46 14.22 8.15
C ALA D 191 6.97 15.13 7.05
N ARG D 192 6.20 15.19 5.97
CA ARG D 192 6.52 16.06 4.88
C ARG D 192 6.45 17.54 5.23
N GLU D 193 5.44 17.93 5.97
CA GLU D 193 5.25 19.31 6.31
C GLU D 193 6.40 19.82 7.18
N VAL D 194 6.95 19.00 8.08
CA VAL D 194 7.95 19.49 9.08
C VAL D 194 9.38 19.06 8.85
N GLY D 195 9.59 18.30 7.78
CA GLY D 195 10.87 17.67 7.53
C GLY D 195 12.00 18.67 7.45
N SER D 196 11.78 19.78 6.76
CA SER D 196 12.87 20.74 6.54
C SER D 196 13.45 21.30 7.86
N ARG D 197 12.74 21.08 8.98
CA ARG D 197 13.20 21.48 10.32
C ARG D 197 13.90 20.40 11.18
N ALA D 198 14.27 19.30 10.53
CA ALA D 198 14.96 18.17 11.19
C ALA D 198 14.13 17.56 12.30
N ILE D 199 12.82 17.57 12.08
CA ILE D 199 11.87 16.89 12.94
C ILE D 199 11.38 15.69 12.19
N THR D 200 11.50 14.51 12.79
CA THR D 200 10.93 13.31 12.17
C THR D 200 9.55 13.02 12.76
N VAL D 201 8.69 12.42 11.91
CA VAL D 201 7.37 11.98 12.28
C VAL D 201 7.17 10.55 11.82
N ASN D 202 6.95 9.65 12.77
CA ASN D 202 6.77 8.25 12.47
C ASN D 202 5.64 7.61 13.29
N ALA D 203 5.26 6.40 12.90
CA ALA D 203 4.21 5.72 13.58
C ALA D 203 4.60 4.29 13.87
N VAL D 204 3.96 3.71 14.89
CA VAL D 204 4.13 2.30 15.21
C VAL D 204 2.76 1.67 15.24
N ALA D 205 2.56 0.63 14.44
CA ALA D 205 1.28 -0.01 14.30
C ALA D 205 1.38 -1.35 14.99
N PRO D 206 0.93 -1.43 16.26
CA PRO D 206 0.90 -2.71 16.89
C PRO D 206 -0.13 -3.67 16.26
N GLY D 207 0.10 -4.97 16.44
CA GLY D 207 -0.90 -6.01 16.18
C GLY D 207 -1.59 -6.43 17.47
N PHE D 208 -1.54 -7.72 17.74
CA PHE D 208 -2.07 -8.29 18.97
C PHE D 208 -1.07 -8.28 20.10
N ILE D 209 -1.32 -7.45 21.08
CA ILE D 209 -0.41 -7.25 22.18
C ILE D 209 -1.12 -7.78 23.43
N ASP D 210 -0.33 -8.30 24.35
CA ASP D 210 -0.84 -8.78 25.62
C ASP D 210 -1.38 -7.62 26.48
N THR D 211 -2.70 -7.47 26.55
CA THR D 211 -3.37 -6.39 27.31
C THR D 211 -4.64 -6.92 27.97
N ASP D 212 -5.37 -6.03 28.64
CA ASP D 212 -6.62 -6.39 29.33
C ASP D 212 -7.71 -6.88 28.39
N MET D 213 -7.80 -6.22 27.24
CA MET D 213 -8.75 -6.59 26.20
C MET D 213 -8.45 -8.05 25.83
N THR D 214 -7.18 -8.35 25.58
CA THR D 214 -6.78 -9.69 25.11
C THR D 214 -6.84 -10.77 26.20
N ARG D 215 -6.44 -10.42 27.42
CA ARG D 215 -6.38 -11.39 28.51
C ARG D 215 -7.72 -11.94 28.92
N GLU D 216 -8.78 -11.17 28.76
CA GLU D 216 -10.06 -11.58 29.34
C GLU D 216 -10.90 -12.37 28.34
N LEU D 217 -10.36 -12.63 27.15
CA LEU D 217 -11.15 -13.22 26.06
C LEU D 217 -11.21 -14.75 26.13
N PRO D 218 -12.26 -15.38 25.55
CA PRO D 218 -12.37 -16.85 25.65
C PRO D 218 -11.13 -17.62 25.17
N GLU D 219 -10.79 -18.69 25.90
CA GLU D 219 -9.60 -19.51 25.63
C GLU D 219 -9.56 -20.16 24.23
N ALA D 220 -10.70 -20.66 23.75
CA ALA D 220 -10.74 -21.30 22.42
C ALA D 220 -10.51 -20.30 21.28
N GLN D 221 -11.06 -19.11 21.45
CA GLN D 221 -10.83 -18.03 20.50
C GLN D 221 -9.37 -17.51 20.51
N ARG D 222 -8.69 -17.56 21.67
CA ARG D 222 -7.25 -17.25 21.74
C ARG D 222 -6.37 -18.14 20.83
N GLU D 223 -6.68 -19.43 20.76
CA GLU D 223 -5.92 -20.33 19.87
C GLU D 223 -6.11 -19.99 18.37
N ALA D 224 -7.32 -19.63 17.97
CA ALA D 224 -7.58 -19.22 16.58
C ALA D 224 -6.83 -17.92 16.26
N LEU D 225 -6.77 -17.04 17.24
CA LEU D 225 -6.04 -15.78 17.12
C LEU D 225 -4.53 -15.95 16.91
N LEU D 226 -3.93 -16.75 17.78
CA LEU D 226 -2.54 -17.14 17.63
C LEU D 226 -2.26 -17.82 16.28
N GLY D 227 -3.23 -18.54 15.74
CA GLY D 227 -3.08 -19.22 14.44
C GLY D 227 -2.97 -18.24 13.28
N GLN D 228 -3.39 -16.99 13.49
CA GLN D 228 -3.19 -15.94 12.51
C GLN D 228 -1.81 -15.20 12.64
N ILE D 229 -1.01 -15.51 13.67
CA ILE D 229 0.23 -14.82 13.94
C ILE D 229 1.42 -15.76 13.66
N PRO D 230 2.20 -15.46 12.61
CA PRO D 230 3.32 -16.31 12.25
C PRO D 230 4.28 -16.60 13.40
N LEU D 231 4.56 -15.64 14.27
CA LEU D 231 5.39 -15.94 15.45
C LEU D 231 4.69 -16.81 16.50
N GLY D 232 3.37 -16.99 16.40
CA GLY D 232 2.68 -17.90 17.30
C GLY D 232 2.56 -17.43 18.74
N ARG D 233 2.64 -16.11 18.95
CA ARG D 233 2.48 -15.55 20.28
C ARG D 233 1.99 -14.13 20.17
N LEU D 234 1.49 -13.61 21.28
CA LEU D 234 1.16 -12.19 21.42
C LEU D 234 2.40 -11.40 21.66
N GLY D 235 2.38 -10.13 21.29
CA GLY D 235 3.47 -9.23 21.62
C GLY D 235 3.39 -8.70 23.04
N GLN D 236 4.55 -8.38 23.61
CA GLN D 236 4.61 -7.67 24.87
C GLN D 236 4.61 -6.16 24.64
N ALA D 237 4.09 -5.42 25.59
CA ALA D 237 4.10 -3.96 25.55
C ALA D 237 5.52 -3.43 25.38
N GLU D 238 6.48 -4.11 26.02
CA GLU D 238 7.91 -3.78 25.93
C GLU D 238 8.44 -3.87 24.49
N GLU D 239 7.83 -4.73 23.69
CA GLU D 239 8.27 -4.90 22.33
C GLU D 239 7.83 -3.76 21.46
N ILE D 240 6.76 -3.07 21.82
CA ILE D 240 6.40 -1.83 21.15
C ILE D 240 7.32 -0.71 21.64
N ALA D 241 7.52 -0.65 22.95
CA ALA D 241 8.36 0.41 23.55
C ALA D 241 9.77 0.42 22.98
N LYS D 242 10.33 -0.74 22.67
CA LYS D 242 11.67 -0.76 22.11
C LYS D 242 11.72 -0.13 20.72
N VAL D 243 10.71 -0.37 19.93
CA VAL D 243 10.67 0.25 18.59
C VAL D 243 10.57 1.79 18.71
N VAL D 244 9.77 2.24 19.65
CA VAL D 244 9.62 3.70 19.93
C VAL D 244 10.92 4.27 20.39
N GLY D 245 11.57 3.58 21.32
CA GLY D 245 12.90 4.04 21.80
C GLY D 245 13.92 4.18 20.70
N PHE D 246 13.98 3.23 19.77
CA PHE D 246 14.81 3.41 18.59
C PHE D 246 14.44 4.61 17.68
N LEU D 247 13.14 4.78 17.40
CA LEU D 247 12.70 5.89 16.55
C LEU D 247 13.03 7.24 17.13
N ALA D 248 13.05 7.31 18.45
CA ALA D 248 13.44 8.54 19.16
C ALA D 248 14.91 8.91 19.12
N SER D 249 15.75 7.94 18.77
CA SER D 249 17.21 8.10 18.90
C SER D 249 17.79 8.84 17.70
N ASP D 250 19.06 9.23 17.85
CA ASP D 250 19.80 9.87 16.74
C ASP D 250 20.00 8.97 15.56
N GLY D 251 20.14 7.67 15.81
CA GLY D 251 20.32 6.74 14.75
C GLY D 251 19.15 6.66 13.76
N ALA D 252 17.96 7.07 14.16
CA ALA D 252 16.76 7.02 13.31
C ALA D 252 16.49 8.35 12.66
N ALA D 253 17.51 9.21 12.64
CA ALA D 253 17.33 10.57 12.13
C ALA D 253 16.84 10.60 10.64
N TYR D 254 17.09 9.57 9.83
CA TYR D 254 16.65 9.64 8.42
C TYR D 254 15.38 8.85 8.16
N VAL D 255 14.81 8.28 9.23
CA VAL D 255 13.54 7.60 9.17
C VAL D 255 12.46 8.64 9.47
N THR D 256 11.62 8.92 8.48
CA THR D 256 10.47 9.79 8.72
C THR D 256 9.37 9.52 7.71
N GLY D 257 8.13 9.71 8.12
CA GLY D 257 6.97 9.32 7.33
C GLY D 257 6.63 7.84 7.42
N ALA D 258 7.35 7.07 8.24
CA ALA D 258 7.20 5.61 8.27
C ALA D 258 6.21 5.14 9.29
N THR D 259 5.54 4.05 8.96
CA THR D 259 4.74 3.33 9.91
C THR D 259 5.32 1.93 10.10
N VAL D 260 5.94 1.67 11.24
CA VAL D 260 6.59 0.42 11.49
C VAL D 260 5.57 -0.53 12.10
N PRO D 261 5.22 -1.61 11.40
CA PRO D 261 4.29 -2.57 12.01
C PRO D 261 5.01 -3.49 12.97
N VAL D 262 4.41 -3.69 14.14
CA VAL D 262 5.00 -4.53 15.17
C VAL D 262 3.94 -5.57 15.58
N ASN D 263 3.84 -6.65 14.80
CA ASN D 263 2.65 -7.49 14.81
C ASN D 263 2.90 -8.95 14.64
N GLY D 264 4.16 -9.35 14.82
CA GLY D 264 4.52 -10.73 14.70
C GLY D 264 4.21 -11.34 13.34
N GLY D 265 3.99 -10.50 12.33
CA GLY D 265 3.79 -11.02 10.97
C GLY D 265 2.32 -11.18 10.58
N MET D 266 1.40 -10.80 11.46
CA MET D 266 -0.02 -10.79 11.13
C MET D 266 -0.42 -9.46 10.53
N TYR D 267 -0.63 -9.41 9.22
CA TYR D 267 -1.03 -8.13 8.57
C TYR D 267 -2.52 -8.07 8.23
N MET D 268 -3.21 -7.15 8.89
CA MET D 268 -4.62 -6.92 8.64
C MET D 268 -4.83 -5.53 8.04
N SER D 269 -5.54 -5.49 6.92
CA SER D 269 -5.92 -4.25 6.26
C SER D 269 -7.36 -4.35 5.73
#